data_9JHJ
#
_entry.id   9JHJ
#
_cell.length_a   1.00
_cell.length_b   1.00
_cell.length_c   1.00
_cell.angle_alpha   90.00
_cell.angle_beta   90.00
_cell.angle_gamma   90.00
#
_symmetry.space_group_name_H-M   'P 1'
#
loop_
_entity.id
_entity.type
_entity.pdbx_description
1 polymer 'N-formyl peptide receptor 2'
2 polymer 'Guanine nucleotide-binding protein G(i) subunit alpha-1'
3 polymer 'Guanine nucleotide-binding protein G(I)/G(S)/G(T) subunit beta-1'
4 polymer 'Guanine nucleotide-binding protein G(I)/G(S)/G(O) subunit gamma-2'
5 polymer scFv16
6 non-polymer N-((E,2S,3R)-1,3-DIHYDROXYOCTADEC-4-EN-2-YL)STEARAMIDE
#
loop_
_entity_poly.entity_id
_entity_poly.type
_entity_poly.pdbx_seq_one_letter_code
_entity_poly.pdbx_strand_id
1 'polypeptide(L)'
;METNFSTPLNEYEEVSYESAGYTVLRILPLVVLGVTFVLGVLGNGLVIWVAGFRMTRTVTTICYLNLALADFSFTATLPF
LIVSMAMGEKWPFGWFLCKLIHIVVDINLFGSVFLIGFIALDRCICVLHPVWAQNHRTVSLAMKVIVGPWILALVLTLPV
FLFLTTVTIPNGDTYCTFNFASWGGTPEERLKVAITMLTARGIIRFVIGFSLPMSIVAICYGLIAAKIHKKGMIKSSRPL
RVLTAVVASFFICWFPFQLVALLGTVWLKEMLFYGKYKIIDILVNPTSSLAFFNSCLNPMLYVFVGQDFRERLIHSLPTS
LERALSEDSAPTNDTAANSASPPAETELQAM
;
R
2 'polypeptide(L)'
;MGCTLSAEDKAAVERSKMIDRNLREDGEKAAREVKLLLLGAGESGKSTIVKQMKIIHEAGYSEEECKQYKAVVYSNTIQS
IIAIIRAMGRLKIDFGDSARADDARQLFVLAGAAEEGFMTAELAGVIKRLWKDSGVQACFNRSREYQLNDSAAYYLNDLD
RIAQPNYIPTQQDVLRTRVKTTGIVETHFTFKDLHFKMFDVGGQRSERKKWIHCFEGVTAIIFCVALSDYDLVLAEDEEM
NRMHESMKLFDSICNNKWFTDTSIILFLNKKDLFEEKIKKSPLTICYPEYAGSNTYEEAAAYIQCQFEDLNKRKDTKEIY
THFTCATDTKNVQFVFDAVTDVIIKNNLKDCGLF
;
A
3 'polypeptide(L)'
;MHHHHHHLEVLFQGPGSSGSELDQLRQEAEQLKNQIRDARKACADATLSQITNNIDPVGRIQMRTRRTLRGHLAKIYAMH
WGTDSRLLVSASQDGKLIIWDSYTTNKVHAIPLRSSWVMTCAYAPSGNYVACGGLDNICSIYNLKTREGNVRVSRELAGH
TGYLSCCRFLDDNQIVTSSGDTTCALWDIETGQQTTTFTGHTGDVMSLSLAPDTRLFVSGACDASAKLWDVREGMCRQTF
TGHESDINAICFFPNGNAFATGSDDATCRLFDLRADQELMTYSHDNIICGITSVSFSKSGRLLLAGYDDFNCNVWDALKA
DRAGVLAGHDNRVSCLGVTDDGMAVATGSWDSFLKIWN
;
B
4 'polypeptide(L)' NTASIAQARKLVEQLKMEANIDRIKVSKAAADLMAYCEAHAKEDPLLTPVPASENPFR C
5 'polypeptide(L)'
;MLLVNQSHQGFNKEHTSKMVSAIVLYVLLAAAAHSAFAVQLVESGGGLVQPGGSRKLSCSASGFAFSSFGMHWVRQAPEK
GLEWVAYISSGSGTIYYADTVKGRFTISRDDPKNTLFLQMTSLRSEDTAMYYCVRSIYYYGSSPFDFWGQGTTLTVSAGG
GGSGGGGSGGGGSADIVMTQATSSVPVTPGESVSISCRSSKSLLHSNGNTYLYWFLQRPGQSPQLLIYRMSNLASGVPDR
FSGSGSGTAFTLTISRLEAEDVGVYYCMQHLEYPLTFGAGTKLEL
;
E
#
# COMPACT_ATOMS: atom_id res chain seq x y z
N VAL A 24 -31.04 11.85 -50.01
CA VAL A 24 -31.69 12.89 -49.22
C VAL A 24 -31.68 12.50 -47.75
N LEU A 25 -32.45 11.47 -47.40
CA LEU A 25 -32.52 11.00 -46.03
C LEU A 25 -31.35 10.08 -45.66
N ARG A 26 -30.82 9.34 -46.63
CA ARG A 26 -29.79 8.36 -46.35
C ARG A 26 -28.48 9.00 -45.87
N ILE A 27 -28.26 10.27 -46.16
CA ILE A 27 -27.00 10.91 -45.78
C ILE A 27 -26.92 11.10 -44.27
N LEU A 28 -28.05 11.44 -43.64
CA LEU A 28 -28.03 11.73 -42.20
C LEU A 28 -27.58 10.56 -41.34
N PRO A 29 -28.06 9.33 -41.52
CA PRO A 29 -27.60 8.24 -40.64
C PRO A 29 -26.10 8.01 -40.70
N LEU A 30 -25.51 8.01 -41.89
CA LEU A 30 -24.08 7.74 -42.01
C LEU A 30 -23.26 8.81 -41.32
N VAL A 31 -23.66 10.08 -41.46
CA VAL A 31 -22.91 11.18 -40.85
C VAL A 31 -22.88 11.05 -39.34
N VAL A 32 -23.98 10.58 -38.74
CA VAL A 32 -24.03 10.43 -37.30
C VAL A 32 -23.05 9.35 -36.83
N LEU A 33 -23.02 8.22 -37.53
CA LEU A 33 -22.14 7.13 -37.13
C LEU A 33 -20.68 7.51 -37.29
N GLY A 34 -20.35 8.29 -38.32
CA GLY A 34 -18.97 8.73 -38.49
C GLY A 34 -18.47 9.50 -37.29
N VAL A 35 -19.31 10.36 -36.72
CA VAL A 35 -18.93 11.10 -35.52
C VAL A 35 -18.78 10.14 -34.34
N THR A 36 -19.66 9.15 -34.25
CA THR A 36 -19.59 8.18 -33.15
C THR A 36 -18.33 7.33 -33.23
N PHE A 37 -17.70 7.23 -34.40
CA PHE A 37 -16.50 6.41 -34.52
C PHE A 37 -15.26 7.18 -34.07
N VAL A 38 -15.02 8.35 -34.67
CA VAL A 38 -13.82 9.12 -34.35
C VAL A 38 -13.87 9.58 -32.90
N LEU A 39 -15.00 10.19 -32.50
CA LEU A 39 -15.11 10.72 -31.15
C LEU A 39 -15.33 9.61 -30.13
N GLY A 40 -16.03 8.55 -30.52
CA GLY A 40 -16.38 7.50 -29.56
C GLY A 40 -15.16 6.78 -29.01
N VAL A 41 -14.28 6.33 -29.91
CA VAL A 41 -13.10 5.61 -29.46
C VAL A 41 -12.14 6.53 -28.72
N LEU A 42 -12.22 7.83 -28.99
CA LEU A 42 -11.39 8.80 -28.27
C LEU A 42 -11.74 8.81 -26.79
N GLY A 43 -12.98 9.17 -26.46
CA GLY A 43 -13.36 9.27 -25.07
C GLY A 43 -13.29 7.95 -24.33
N ASN A 44 -13.70 6.87 -25.00
CA ASN A 44 -13.67 5.56 -24.37
C ASN A 44 -12.25 5.07 -24.16
N GLY A 45 -11.33 5.45 -25.04
CA GLY A 45 -9.93 5.12 -24.83
C GLY A 45 -9.33 5.83 -23.63
N LEU A 46 -9.71 7.09 -23.43
CA LEU A 46 -9.17 7.86 -22.31
C LEU A 46 -9.56 7.23 -20.98
N VAL A 47 -10.83 6.84 -20.85
CA VAL A 47 -11.31 6.28 -19.58
C VAL A 47 -10.69 4.91 -19.31
N ILE A 48 -10.52 4.09 -20.35
CA ILE A 48 -9.92 2.78 -20.14
C ILE A 48 -8.48 2.92 -19.65
N TRP A 49 -7.84 4.04 -19.97
CA TRP A 49 -6.46 4.27 -19.56
C TRP A 49 -6.39 4.79 -18.12
N VAL A 50 -7.31 5.67 -17.74
CA VAL A 50 -7.23 6.28 -16.42
C VAL A 50 -7.93 5.41 -15.38
N ALA A 51 -9.06 4.79 -15.74
CA ALA A 51 -9.88 4.10 -14.75
C ALA A 51 -9.25 2.82 -14.24
N GLY A 52 -8.46 2.14 -15.06
CA GLY A 52 -7.94 0.85 -14.65
C GLY A 52 -6.43 0.77 -14.58
N PHE A 53 -5.74 1.76 -15.12
CA PHE A 53 -4.29 1.72 -15.20
C PHE A 53 -3.59 2.80 -14.40
N ARG A 54 -4.20 3.97 -14.21
CA ARG A 54 -3.54 5.06 -13.51
C ARG A 54 -4.34 5.57 -12.31
N MET A 55 -5.27 4.78 -11.80
CA MET A 55 -5.98 5.14 -10.57
C MET A 55 -6.15 3.89 -9.72
N THR A 56 -6.30 4.12 -8.41
CA THR A 56 -6.55 3.02 -7.50
C THR A 56 -7.93 2.41 -7.75
N ARG A 57 -8.02 1.11 -7.54
CA ARG A 57 -9.19 0.35 -7.96
C ARG A 57 -10.27 0.41 -6.89
N THR A 58 -11.45 0.91 -7.28
CA THR A 58 -12.63 0.92 -6.45
C THR A 58 -13.80 0.37 -7.25
N VAL A 59 -14.95 0.24 -6.58
CA VAL A 59 -16.15 -0.26 -7.24
C VAL A 59 -16.57 0.68 -8.35
N THR A 60 -16.50 1.99 -8.09
CA THR A 60 -16.92 2.96 -9.09
C THR A 60 -16.05 2.86 -10.34
N THR A 61 -14.73 2.74 -10.15
CA THR A 61 -13.84 2.67 -11.30
C THR A 61 -13.96 1.33 -12.02
N ILE A 62 -14.31 0.25 -11.32
CA ILE A 62 -14.48 -1.02 -12.02
C ILE A 62 -15.75 -0.99 -12.87
N CYS A 63 -16.82 -0.37 -12.37
CA CYS A 63 -18.02 -0.20 -13.18
C CYS A 63 -17.75 0.68 -14.39
N TYR A 64 -17.04 1.79 -14.20
CA TYR A 64 -16.68 2.64 -15.32
C TYR A 64 -15.82 1.89 -16.33
N LEU A 65 -14.88 1.08 -15.84
CA LEU A 65 -14.01 0.32 -16.74
C LEU A 65 -14.81 -0.65 -17.59
N ASN A 66 -15.77 -1.35 -16.99
CA ASN A 66 -16.59 -2.28 -17.77
C ASN A 66 -17.43 -1.55 -18.81
N LEU A 67 -18.04 -0.42 -18.43
CA LEU A 67 -18.81 0.35 -19.42
C LEU A 67 -17.92 0.81 -20.55
N ALA A 68 -16.71 1.28 -20.22
CA ALA A 68 -15.75 1.71 -21.23
C ALA A 68 -15.39 0.57 -22.16
N LEU A 69 -15.17 -0.63 -21.62
CA LEU A 69 -14.79 -1.76 -22.46
C LEU A 69 -15.90 -2.11 -23.44
N ALA A 70 -17.14 -2.16 -22.96
CA ALA A 70 -18.25 -2.45 -23.85
C ALA A 70 -18.37 -1.40 -24.95
N ASP A 71 -18.29 -0.13 -24.58
CA ASP A 71 -18.41 0.94 -25.57
C ASP A 71 -17.25 0.92 -26.56
N PHE A 72 -16.04 0.64 -26.09
CA PHE A 72 -14.88 0.60 -26.97
C PHE A 72 -15.02 -0.51 -27.99
N SER A 73 -15.43 -1.70 -27.55
CA SER A 73 -15.62 -2.80 -28.49
C SER A 73 -16.73 -2.48 -29.49
N PHE A 74 -17.82 -1.86 -29.05
CA PHE A 74 -18.87 -1.48 -30.00
C PHE A 74 -18.37 -0.47 -31.02
N THR A 75 -17.62 0.54 -30.57
CA THR A 75 -17.11 1.53 -31.51
C THR A 75 -16.12 0.92 -32.48
N ALA A 76 -15.36 -0.09 -32.04
CA ALA A 76 -14.51 -0.82 -32.96
C ALA A 76 -15.32 -1.59 -33.99
N THR A 77 -16.47 -2.13 -33.58
CA THR A 77 -17.31 -2.88 -34.52
C THR A 77 -18.09 -1.97 -35.46
N LEU A 78 -18.21 -0.68 -35.13
CA LEU A 78 -19.04 0.23 -35.93
C LEU A 78 -18.65 0.33 -37.40
N PRO A 79 -17.37 0.52 -37.78
CA PRO A 79 -17.09 0.87 -39.19
C PRO A 79 -17.55 -0.14 -40.22
N PHE A 80 -17.46 -1.44 -39.92
CA PHE A 80 -17.96 -2.43 -40.86
C PHE A 80 -19.45 -2.27 -41.07
N LEU A 81 -20.19 -1.98 -39.99
CA LEU A 81 -21.62 -1.74 -40.12
C LEU A 81 -21.90 -0.47 -40.88
N ILE A 82 -21.01 0.53 -40.78
CA ILE A 82 -21.12 1.73 -41.60
C ILE A 82 -21.02 1.36 -43.08
N VAL A 83 -20.04 0.52 -43.41
CA VAL A 83 -19.88 0.06 -44.79
C VAL A 83 -21.11 -0.69 -45.26
N SER A 84 -21.65 -1.56 -44.39
CA SER A 84 -22.83 -2.33 -44.76
C SER A 84 -24.04 -1.44 -45.01
N MET A 85 -24.25 -0.45 -44.15
CA MET A 85 -25.35 0.48 -44.33
C MET A 85 -25.19 1.27 -45.62
N ALA A 86 -23.97 1.70 -45.93
CA ALA A 86 -23.74 2.43 -47.17
C ALA A 86 -24.03 1.55 -48.38
N MET A 87 -23.45 0.34 -48.41
CA MET A 87 -23.61 -0.56 -49.54
C MET A 87 -25.02 -1.15 -49.63
N GLY A 88 -25.85 -0.95 -48.61
CA GLY A 88 -27.23 -1.37 -48.71
C GLY A 88 -27.49 -2.83 -48.45
N GLU A 89 -27.23 -3.27 -47.21
CA GLU A 89 -27.61 -4.59 -46.73
C GLU A 89 -27.00 -5.70 -47.59
N LYS A 90 -25.67 -5.73 -47.58
CA LYS A 90 -24.91 -6.83 -48.17
C LYS A 90 -23.47 -6.78 -47.68
N TRP A 91 -22.96 -7.89 -47.18
CA TRP A 91 -21.60 -7.90 -46.64
C TRP A 91 -20.58 -7.89 -47.77
N PRO A 92 -19.69 -6.90 -47.85
CA PRO A 92 -18.53 -7.04 -48.73
C PRO A 92 -17.42 -7.83 -48.05
N PHE A 93 -17.77 -8.49 -46.95
CA PHE A 93 -16.82 -9.21 -46.10
C PHE A 93 -17.24 -10.66 -46.00
N GLY A 94 -16.52 -11.42 -45.17
CA GLY A 94 -16.67 -12.85 -45.13
C GLY A 94 -17.75 -13.34 -44.19
N TRP A 95 -17.98 -14.65 -44.24
CA TRP A 95 -19.03 -15.28 -43.44
C TRP A 95 -18.67 -15.30 -41.96
N PHE A 96 -17.50 -15.86 -41.63
CA PHE A 96 -17.07 -15.91 -40.24
C PHE A 96 -16.87 -14.51 -39.68
N LEU A 97 -16.33 -13.61 -40.49
CA LEU A 97 -16.15 -12.22 -40.06
C LEU A 97 -17.49 -11.56 -39.78
N CYS A 98 -18.48 -11.81 -40.64
CA CYS A 98 -19.82 -11.23 -40.43
C CYS A 98 -20.44 -11.76 -39.14
N LYS A 99 -20.34 -13.06 -38.92
CA LYS A 99 -20.90 -13.64 -37.70
C LYS A 99 -20.22 -13.06 -36.47
N LEU A 100 -18.89 -12.93 -36.52
CA LEU A 100 -18.15 -12.38 -35.38
C LEU A 100 -18.56 -10.93 -35.12
N ILE A 101 -18.68 -10.13 -36.19
CA ILE A 101 -19.01 -8.72 -36.02
C ILE A 101 -20.40 -8.57 -35.42
N HIS A 102 -21.37 -9.37 -35.90
CA HIS A 102 -22.71 -9.24 -35.36
C HIS A 102 -22.78 -9.74 -33.92
N ILE A 103 -22.07 -10.82 -33.60
CA ILE A 103 -22.13 -11.31 -32.22
C ILE A 103 -21.48 -10.30 -31.28
N VAL A 104 -20.39 -9.66 -31.70
CA VAL A 104 -19.73 -8.71 -30.82
C VAL A 104 -20.57 -7.44 -30.67
N VAL A 105 -21.20 -6.99 -31.76
CA VAL A 105 -22.02 -5.77 -31.65
C VAL A 105 -23.22 -6.01 -30.75
N ASP A 106 -23.86 -7.18 -30.86
CA ASP A 106 -25.01 -7.46 -30.02
C ASP A 106 -24.60 -7.61 -28.56
N ILE A 107 -23.55 -8.38 -28.29
CA ILE A 107 -23.10 -8.57 -26.92
C ILE A 107 -22.75 -7.24 -26.30
N ASN A 108 -22.12 -6.34 -27.07
CA ASN A 108 -21.66 -5.09 -26.51
C ASN A 108 -22.79 -4.10 -26.29
N LEU A 109 -23.75 -4.02 -27.21
CA LEU A 109 -24.89 -3.15 -26.99
C LEU A 109 -25.67 -3.57 -25.75
N PHE A 110 -25.99 -4.86 -25.65
CA PHE A 110 -26.74 -5.34 -24.49
C PHE A 110 -25.95 -5.13 -23.21
N GLY A 111 -24.64 -5.40 -23.25
CA GLY A 111 -23.81 -5.17 -22.08
C GLY A 111 -23.79 -3.72 -21.67
N SER A 112 -23.73 -2.80 -22.64
CA SER A 112 -23.73 -1.38 -22.31
C SER A 112 -25.02 -0.99 -21.61
N VAL A 113 -26.16 -1.44 -22.13
CA VAL A 113 -27.42 -1.06 -21.49
C VAL A 113 -27.54 -1.66 -20.09
N PHE A 114 -27.18 -2.94 -19.94
CA PHE A 114 -27.25 -3.57 -18.62
C PHE A 114 -26.27 -2.93 -17.64
N LEU A 115 -25.11 -2.48 -18.11
CA LEU A 115 -24.16 -1.82 -17.24
C LEU A 115 -24.64 -0.44 -16.82
N ILE A 116 -25.36 0.26 -17.72
CA ILE A 116 -26.01 1.50 -17.32
C ILE A 116 -26.98 1.23 -16.18
N GLY A 117 -27.79 0.18 -16.33
CA GLY A 117 -28.71 -0.19 -15.26
C GLY A 117 -27.99 -0.53 -13.97
N PHE A 118 -26.88 -1.26 -14.06
CA PHE A 118 -26.14 -1.64 -12.86
C PHE A 118 -25.54 -0.42 -12.17
N ILE A 119 -25.00 0.52 -12.94
CA ILE A 119 -24.43 1.73 -12.35
C ILE A 119 -25.52 2.53 -11.64
N ALA A 120 -26.69 2.65 -12.27
CA ALA A 120 -27.80 3.35 -11.62
C ALA A 120 -28.19 2.67 -10.32
N LEU A 121 -28.27 1.33 -10.34
CA LEU A 121 -28.63 0.60 -9.13
C LEU A 121 -27.61 0.79 -8.02
N ASP A 122 -26.32 0.76 -8.37
CA ASP A 122 -25.28 0.95 -7.37
C ASP A 122 -25.33 2.34 -6.76
N ARG A 123 -25.52 3.36 -7.60
CA ARG A 123 -25.63 4.73 -7.09
C ARG A 123 -26.83 4.88 -6.18
N CYS A 124 -27.97 4.29 -6.56
CA CYS A 124 -29.16 4.34 -5.73
C CYS A 124 -28.91 3.66 -4.39
N ILE A 125 -28.25 2.50 -4.41
CA ILE A 125 -27.94 1.80 -3.16
C ILE A 125 -27.08 2.67 -2.25
N CYS A 126 -26.04 3.27 -2.83
CA CYS A 126 -25.12 4.08 -2.03
C CYS A 126 -25.82 5.29 -1.44
N VAL A 127 -26.70 5.93 -2.21
CA VAL A 127 -27.32 7.16 -1.72
C VAL A 127 -28.47 6.87 -0.76
N LEU A 128 -29.17 5.75 -0.93
CA LEU A 128 -30.35 5.48 -0.11
C LEU A 128 -30.02 4.68 1.15
N HIS A 129 -29.03 3.80 1.11
CA HIS A 129 -28.62 3.02 2.27
C HIS A 129 -27.12 3.19 2.45
N PRO A 130 -26.68 4.32 2.99
CA PRO A 130 -25.24 4.54 3.17
C PRO A 130 -24.58 3.56 4.12
N VAL A 131 -25.32 3.07 5.10
CA VAL A 131 -24.73 2.19 6.12
C VAL A 131 -24.38 0.84 5.52
N TRP A 132 -25.35 0.22 4.86
CA TRP A 132 -25.12 -1.09 4.26
C TRP A 132 -24.07 -1.00 3.17
N ALA A 133 -24.00 0.13 2.46
CA ALA A 133 -22.96 0.29 1.46
C ALA A 133 -21.58 0.21 2.10
N GLN A 134 -21.35 0.96 3.16
CA GLN A 134 -20.01 0.94 3.74
C GLN A 134 -19.72 -0.38 4.44
N ASN A 135 -20.75 -1.11 4.86
CA ASN A 135 -20.51 -2.42 5.45
C ASN A 135 -20.22 -3.51 4.41
N HIS A 136 -20.86 -3.47 3.23
CA HIS A 136 -20.86 -4.68 2.40
C HIS A 136 -20.68 -4.38 0.91
N ARG A 137 -19.84 -3.40 0.54
CA ARG A 137 -19.47 -3.27 -0.86
C ARG A 137 -17.97 -3.12 -0.96
N THR A 138 -17.33 -4.10 -1.59
CA THR A 138 -15.88 -4.12 -1.76
C THR A 138 -15.56 -4.48 -3.20
N VAL A 139 -14.31 -4.20 -3.58
CA VAL A 139 -13.89 -4.43 -4.96
C VAL A 139 -14.03 -5.90 -5.34
N SER A 140 -13.84 -6.81 -4.40
CA SER A 140 -13.94 -8.23 -4.70
C SER A 140 -15.38 -8.63 -5.01
N LEU A 141 -16.33 -8.23 -4.16
CA LEU A 141 -17.73 -8.55 -4.40
C LEU A 141 -18.22 -7.88 -5.67
N ALA A 142 -17.77 -6.65 -5.93
CA ALA A 142 -18.14 -5.97 -7.16
C ALA A 142 -17.62 -6.72 -8.39
N MET A 143 -16.36 -7.18 -8.32
CA MET A 143 -15.80 -7.94 -9.43
C MET A 143 -16.59 -9.22 -9.67
N LYS A 144 -16.94 -9.92 -8.59
CA LYS A 144 -17.70 -11.15 -8.73
C LYS A 144 -19.09 -10.89 -9.32
N VAL A 145 -19.76 -9.84 -8.87
CA VAL A 145 -21.14 -9.62 -9.28
C VAL A 145 -21.27 -8.91 -10.62
N ILE A 146 -20.20 -8.26 -11.10
CA ILE A 146 -20.29 -7.54 -12.36
C ILE A 146 -20.46 -8.48 -13.55
N VAL A 147 -20.15 -9.76 -13.40
CA VAL A 147 -20.22 -10.69 -14.53
C VAL A 147 -21.63 -11.14 -14.86
N GLY A 148 -22.60 -10.84 -14.00
CA GLY A 148 -23.98 -11.22 -14.23
C GLY A 148 -24.57 -10.65 -15.50
N PRO A 149 -24.49 -9.33 -15.67
CA PRO A 149 -24.99 -8.73 -16.92
C PRO A 149 -24.29 -9.27 -18.16
N TRP A 150 -22.99 -9.55 -18.09
CA TRP A 150 -22.30 -10.12 -19.24
C TRP A 150 -22.86 -11.49 -19.61
N ILE A 151 -23.11 -12.33 -18.61
CA ILE A 151 -23.67 -13.65 -18.84
C ILE A 151 -25.08 -13.54 -19.41
N LEU A 152 -25.86 -12.59 -18.89
CA LEU A 152 -27.20 -12.38 -19.42
C LEU A 152 -27.14 -11.93 -20.88
N ALA A 153 -26.18 -11.07 -21.22
CA ALA A 153 -26.02 -10.65 -22.60
C ALA A 153 -25.67 -11.83 -23.49
N LEU A 154 -24.80 -12.73 -23.00
CA LEU A 154 -24.42 -13.89 -23.80
C LEU A 154 -25.63 -14.81 -24.04
N VAL A 155 -26.37 -15.12 -22.97
CA VAL A 155 -27.51 -16.01 -23.12
C VAL A 155 -28.62 -15.35 -23.93
N LEU A 156 -28.65 -14.02 -23.99
CA LEU A 156 -29.62 -13.36 -24.85
C LEU A 156 -29.16 -13.24 -26.28
N THR A 157 -27.88 -13.38 -26.52
CA THR A 157 -27.42 -13.22 -27.87
C THR A 157 -27.33 -14.55 -28.56
N LEU A 158 -27.67 -15.61 -27.86
CA LEU A 158 -27.67 -16.93 -28.47
C LEU A 158 -28.31 -16.97 -29.82
N PRO A 159 -29.54 -16.45 -29.95
CA PRO A 159 -30.10 -16.60 -31.26
C PRO A 159 -29.22 -16.22 -32.37
N VAL A 160 -28.50 -15.14 -32.27
CA VAL A 160 -27.78 -14.74 -33.48
C VAL A 160 -26.73 -15.77 -33.83
N PHE A 161 -26.06 -16.34 -32.81
CA PHE A 161 -25.10 -17.41 -33.06
C PHE A 161 -25.76 -18.63 -33.64
N LEU A 162 -26.94 -18.98 -33.13
CA LEU A 162 -27.61 -20.20 -33.57
C LEU A 162 -28.25 -20.05 -34.95
N PHE A 163 -28.67 -18.84 -35.33
CA PHE A 163 -29.48 -18.74 -36.55
C PHE A 163 -29.12 -17.56 -37.45
N LEU A 164 -27.88 -17.07 -37.41
CA LEU A 164 -27.44 -16.07 -38.37
C LEU A 164 -26.57 -16.72 -39.43
N THR A 165 -26.88 -16.47 -40.69
CA THR A 165 -26.13 -17.04 -41.80
C THR A 165 -26.10 -16.06 -42.95
N THR A 166 -25.12 -16.23 -43.82
CA THR A 166 -24.96 -15.39 -45.01
C THR A 166 -25.62 -16.11 -46.18
N VAL A 167 -26.72 -15.56 -46.66
CA VAL A 167 -27.48 -16.16 -47.76
C VAL A 167 -27.28 -15.29 -48.99
N THR A 168 -26.82 -15.91 -50.07
CA THR A 168 -26.61 -15.19 -51.32
C THR A 168 -27.92 -15.09 -52.09
N ILE A 169 -28.31 -13.87 -52.42
CA ILE A 169 -29.50 -13.69 -53.26
C ILE A 169 -29.19 -14.22 -54.66
N PRO A 170 -30.02 -15.10 -55.22
CA PRO A 170 -29.71 -15.61 -56.56
C PRO A 170 -29.68 -14.53 -57.62
N ASN A 171 -30.33 -13.39 -57.38
CA ASN A 171 -30.40 -12.35 -58.40
C ASN A 171 -29.07 -11.66 -58.62
N GLY A 172 -28.57 -10.92 -57.62
CA GLY A 172 -27.37 -10.11 -57.86
C GLY A 172 -26.29 -10.18 -56.80
N ASP A 173 -26.59 -10.44 -55.54
CA ASP A 173 -25.58 -10.22 -54.50
C ASP A 173 -25.81 -11.16 -53.32
N THR A 174 -24.79 -11.23 -52.46
CA THR A 174 -24.81 -12.09 -51.29
C THR A 174 -25.22 -11.31 -50.04
N TYR A 175 -26.48 -10.89 -50.00
CA TYR A 175 -27.01 -10.17 -48.85
C TYR A 175 -27.25 -11.12 -47.68
N THR A 177 -28.78 -11.39 -42.87
CA THR A 177 -30.10 -11.64 -42.29
C THR A 177 -30.23 -13.08 -41.80
N PHE A 178 -31.36 -13.44 -41.23
CA PHE A 178 -31.60 -14.81 -40.76
C PHE A 178 -32.48 -15.55 -41.75
N ASN A 179 -32.10 -16.77 -42.15
CA ASN A 179 -33.01 -17.57 -42.98
C ASN A 179 -33.18 -18.96 -42.45
N PHE A 180 -32.12 -19.55 -41.94
CA PHE A 180 -32.28 -20.89 -41.31
C PHE A 180 -33.22 -21.93 -41.92
N ALA A 181 -33.08 -22.22 -43.21
CA ALA A 181 -33.89 -23.28 -43.83
C ALA A 181 -33.18 -24.59 -43.53
N SER A 182 -32.38 -24.61 -42.46
CA SER A 182 -31.61 -25.79 -42.09
C SER A 182 -32.49 -26.92 -41.62
N TRP A 183 -33.31 -26.70 -40.59
CA TRP A 183 -34.35 -27.65 -40.23
C TRP A 183 -35.67 -27.28 -40.91
N GLY A 184 -35.60 -27.08 -42.22
CA GLY A 184 -36.74 -26.55 -42.94
C GLY A 184 -37.87 -27.55 -43.08
N GLY A 185 -37.59 -28.68 -43.71
CA GLY A 185 -38.66 -29.57 -44.09
C GLY A 185 -39.60 -28.87 -45.03
N THR A 186 -40.88 -28.91 -44.71
CA THR A 186 -41.83 -28.19 -45.55
C THR A 186 -41.62 -26.69 -45.41
N PRO A 187 -41.60 -25.95 -46.52
CA PRO A 187 -41.52 -24.48 -46.42
C PRO A 187 -42.65 -23.88 -45.62
N GLU A 188 -43.82 -24.53 -45.58
CA GLU A 188 -44.92 -24.04 -44.76
C GLU A 188 -44.52 -24.04 -43.28
N GLU A 189 -43.89 -25.12 -42.82
CA GLU A 189 -43.39 -25.17 -41.46
C GLU A 189 -42.20 -24.25 -41.25
N ARG A 190 -41.34 -24.12 -42.26
CA ARG A 190 -40.21 -23.21 -42.15
C ARG A 190 -40.68 -21.77 -41.92
N LEU A 191 -41.72 -21.36 -42.62
CA LEU A 191 -42.22 -19.99 -42.45
C LEU A 191 -42.81 -19.78 -41.07
N LYS A 192 -43.53 -20.77 -40.54
CA LYS A 192 -44.06 -20.67 -39.19
C LYS A 192 -42.94 -20.55 -38.17
N VAL A 193 -41.90 -21.37 -38.33
CA VAL A 193 -40.75 -21.30 -37.42
C VAL A 193 -40.08 -19.94 -37.51
N ALA A 194 -39.92 -19.42 -38.72
CA ALA A 194 -39.28 -18.13 -38.91
C ALA A 194 -40.07 -17.02 -38.23
N ILE A 195 -41.40 -17.01 -38.43
CA ILE A 195 -42.23 -15.99 -37.83
C ILE A 195 -42.15 -16.08 -36.31
N THR A 196 -42.21 -17.29 -35.77
CA THR A 196 -42.12 -17.47 -34.32
C THR A 196 -40.80 -16.92 -33.78
N MET A 197 -39.69 -17.27 -34.44
CA MET A 197 -38.38 -16.82 -33.97
C MET A 197 -38.26 -15.31 -34.04
N LEU A 198 -38.72 -14.71 -35.13
CA LEU A 198 -38.62 -13.25 -35.27
C LEU A 198 -39.47 -12.53 -34.23
N THR A 199 -40.70 -12.99 -34.02
CA THR A 199 -41.54 -12.36 -33.01
C THR A 199 -40.93 -12.49 -31.63
N ALA A 200 -40.39 -13.68 -31.32
CA ALA A 200 -39.75 -13.88 -30.03
C ALA A 200 -38.58 -12.93 -29.85
N ARG A 201 -37.75 -12.79 -30.87
CA ARG A 201 -36.61 -11.88 -30.79
C ARG A 201 -37.06 -10.46 -30.52
N GLY A 202 -38.05 -9.98 -31.29
CA GLY A 202 -38.50 -8.61 -31.11
C GLY A 202 -39.08 -8.36 -29.74
N ILE A 203 -39.92 -9.28 -29.27
CA ILE A 203 -40.59 -9.07 -27.98
C ILE A 203 -39.58 -9.18 -26.84
N ILE A 204 -38.63 -10.10 -26.93
CA ILE A 204 -37.63 -10.21 -25.86
C ILE A 204 -36.73 -8.99 -25.86
N ARG A 205 -36.41 -8.45 -27.05
CA ARG A 205 -35.67 -7.21 -27.11
C ARG A 205 -36.40 -6.10 -26.37
N PHE A 206 -37.66 -5.88 -26.72
CA PHE A 206 -38.37 -4.76 -26.10
C PHE A 206 -38.56 -4.95 -24.60
N VAL A 207 -38.85 -6.18 -24.17
CA VAL A 207 -39.10 -6.40 -22.75
C VAL A 207 -37.81 -6.27 -21.93
N ILE A 208 -36.71 -6.85 -22.41
CA ILE A 208 -35.49 -6.86 -21.62
C ILE A 208 -34.60 -5.64 -21.84
N GLY A 209 -34.23 -5.34 -23.09
CA GLY A 209 -33.19 -4.35 -23.31
C GLY A 209 -33.63 -2.90 -23.19
N PHE A 210 -34.93 -2.65 -23.12
CA PHE A 210 -35.32 -1.25 -22.94
C PHE A 210 -36.28 -1.03 -21.78
N SER A 211 -37.24 -1.93 -21.57
CA SER A 211 -38.22 -1.72 -20.51
C SER A 211 -37.55 -1.77 -19.14
N LEU A 212 -36.81 -2.84 -18.88
CA LEU A 212 -36.16 -2.99 -17.58
C LEU A 212 -35.08 -1.94 -17.34
N PRO A 213 -34.14 -1.67 -18.26
CA PRO A 213 -33.07 -0.73 -17.93
C PRO A 213 -33.54 0.69 -17.70
N MET A 214 -34.42 1.21 -18.56
CA MET A 214 -34.89 2.58 -18.35
C MET A 214 -35.80 2.67 -17.12
N SER A 215 -36.59 1.64 -16.84
CA SER A 215 -37.36 1.65 -15.61
C SER A 215 -36.45 1.72 -14.40
N ILE A 216 -35.38 0.92 -14.38
CA ILE A 216 -34.44 0.96 -13.28
C ILE A 216 -33.80 2.33 -13.17
N VAL A 217 -33.37 2.89 -14.31
CA VAL A 217 -32.69 4.17 -14.31
C VAL A 217 -33.60 5.25 -13.76
N ALA A 218 -34.82 5.34 -14.29
CA ALA A 218 -35.75 6.37 -13.87
C ALA A 218 -36.08 6.24 -12.39
N ILE A 219 -36.41 5.02 -11.94
CA ILE A 219 -36.79 4.83 -10.54
C ILE A 219 -35.63 5.22 -9.62
N CYS A 220 -34.43 4.73 -9.92
CA CYS A 220 -33.29 4.97 -9.03
C CYS A 220 -32.91 6.45 -8.99
N TYR A 221 -32.84 7.09 -10.16
CA TYR A 221 -32.42 8.49 -10.17
C TYR A 221 -33.48 9.39 -9.57
N GLY A 222 -34.76 9.09 -9.81
CA GLY A 222 -35.81 9.83 -9.13
C GLY A 222 -35.74 9.68 -7.63
N LEU A 223 -35.46 8.47 -7.15
CA LEU A 223 -35.35 8.26 -5.70
C LEU A 223 -34.19 9.05 -5.11
N ILE A 224 -33.04 9.05 -5.78
CA ILE A 224 -31.90 9.77 -5.22
C ILE A 224 -32.15 11.29 -5.27
N ALA A 225 -32.82 11.77 -6.33
CA ALA A 225 -33.17 13.19 -6.37
C ALA A 225 -34.16 13.54 -5.26
N ALA A 226 -35.11 12.66 -4.99
CA ALA A 226 -36.06 12.90 -3.90
C ALA A 226 -35.34 12.99 -2.57
N LYS A 227 -34.38 12.10 -2.33
CA LYS A 227 -33.62 12.15 -1.08
C LYS A 227 -32.80 13.43 -0.98
N ILE A 228 -32.09 13.77 -2.06
CA ILE A 228 -31.23 14.94 -2.06
C ILE A 228 -32.05 16.22 -1.97
N HIS A 229 -33.34 16.17 -2.27
CA HIS A 229 -34.18 17.35 -2.06
C HIS A 229 -34.81 17.36 -0.67
N LYS A 230 -35.16 16.19 -0.13
CA LYS A 230 -35.83 16.14 1.16
C LYS A 230 -34.88 16.46 2.30
N LYS A 231 -33.62 16.03 2.20
CA LYS A 231 -32.68 16.19 3.30
C LYS A 231 -31.76 17.40 3.06
N GLY A 232 -32.32 18.48 2.51
CA GLY A 232 -31.53 19.66 2.26
C GLY A 232 -30.38 19.34 1.32
N MET A 233 -29.17 19.69 1.74
CA MET A 233 -27.94 19.20 1.11
C MET A 233 -27.72 19.72 -0.30
N ILE A 234 -28.65 20.48 -0.84
CA ILE A 234 -28.52 21.01 -2.19
C ILE A 234 -27.85 22.38 -2.12
N LYS A 235 -26.77 22.55 -2.88
CA LYS A 235 -26.07 23.82 -2.93
C LYS A 235 -26.22 24.51 -4.29
N SER A 236 -25.86 23.82 -5.36
CA SER A 236 -25.89 24.39 -6.70
C SER A 236 -26.81 23.57 -7.60
N SER A 237 -26.84 23.93 -8.88
CA SER A 237 -27.65 23.23 -9.87
C SER A 237 -26.93 22.04 -10.48
N ARG A 238 -25.68 21.81 -10.12
CA ARG A 238 -24.93 20.68 -10.67
C ARG A 238 -25.61 19.34 -10.47
N PRO A 239 -26.06 18.95 -9.27
CA PRO A 239 -26.66 17.62 -9.13
C PRO A 239 -27.87 17.40 -10.01
N LEU A 240 -28.83 18.33 -9.94
CA LEU A 240 -30.04 18.18 -10.74
C LEU A 240 -29.72 18.20 -12.22
N ARG A 241 -28.81 19.08 -12.64
CA ARG A 241 -28.47 19.18 -14.05
C ARG A 241 -27.87 17.88 -14.56
N VAL A 242 -26.94 17.28 -13.80
CA VAL A 242 -26.30 16.05 -14.26
C VAL A 242 -27.29 14.89 -14.25
N LEU A 243 -28.13 14.81 -13.22
CA LEU A 243 -29.09 13.72 -13.13
C LEU A 243 -30.10 13.78 -14.27
N THR A 244 -30.65 14.96 -14.53
CA THR A 244 -31.57 15.09 -15.65
C THR A 244 -30.86 14.87 -16.97
N ALA A 245 -29.58 15.23 -17.06
CA ALA A 245 -28.82 14.96 -18.28
C ALA A 245 -28.73 13.46 -18.54
N VAL A 246 -28.43 12.67 -17.51
CA VAL A 246 -28.28 11.23 -17.73
C VAL A 246 -29.63 10.60 -18.10
N VAL A 247 -30.70 10.96 -17.40
CA VAL A 247 -31.99 10.32 -17.69
C VAL A 247 -32.50 10.73 -19.07
N ALA A 248 -32.44 12.02 -19.37
CA ALA A 248 -32.91 12.51 -20.66
C ALA A 248 -32.04 11.98 -21.79
N SER A 249 -30.73 11.85 -21.56
CA SER A 249 -29.87 11.27 -22.58
C SER A 249 -30.32 9.86 -22.92
N PHE A 250 -30.49 9.02 -21.89
CA PHE A 250 -30.91 7.65 -22.15
C PHE A 250 -32.23 7.60 -22.90
N PHE A 251 -33.23 8.37 -22.45
CA PHE A 251 -34.55 8.30 -23.08
C PHE A 251 -34.50 8.82 -24.51
N ILE A 252 -34.10 10.09 -24.68
CA ILE A 252 -34.11 10.71 -26.01
C ILE A 252 -33.21 9.96 -26.96
N CYS A 253 -32.26 9.20 -26.45
CA CYS A 253 -31.34 8.52 -27.36
C CYS A 253 -31.83 7.13 -27.74
N TRP A 254 -32.48 6.41 -26.83
CA TRP A 254 -32.85 5.03 -27.13
C TRP A 254 -34.31 4.84 -27.53
N PHE A 255 -35.22 5.74 -27.13
CA PHE A 255 -36.64 5.45 -27.32
C PHE A 255 -37.05 5.28 -28.78
N PRO A 256 -36.67 6.15 -29.73
CA PRO A 256 -37.17 5.96 -31.11
C PRO A 256 -36.78 4.63 -31.72
N PHE A 257 -35.57 4.16 -31.48
CA PHE A 257 -35.14 2.90 -32.07
C PHE A 257 -35.96 1.73 -31.52
N GLN A 258 -36.19 1.70 -30.21
CA GLN A 258 -36.99 0.62 -29.64
C GLN A 258 -38.45 0.72 -30.06
N LEU A 259 -38.96 1.94 -30.25
CA LEU A 259 -40.34 2.08 -30.72
C LEU A 259 -40.49 1.53 -32.12
N VAL A 260 -39.58 1.90 -33.03
CA VAL A 260 -39.69 1.38 -34.39
C VAL A 260 -39.44 -0.13 -34.40
N ALA A 261 -38.55 -0.62 -33.53
CA ALA A 261 -38.33 -2.06 -33.46
C ALA A 261 -39.59 -2.79 -33.02
N LEU A 262 -40.30 -2.26 -32.02
CA LEU A 262 -41.52 -2.90 -31.55
C LEU A 262 -42.61 -2.85 -32.61
N LEU A 263 -42.74 -1.71 -33.30
CA LEU A 263 -43.73 -1.62 -34.36
C LEU A 263 -43.44 -2.61 -35.48
N GLY A 264 -42.16 -2.75 -35.84
CA GLY A 264 -41.80 -3.75 -36.84
C GLY A 264 -42.08 -5.16 -36.38
N THR A 265 -41.77 -5.46 -35.12
CA THR A 265 -42.04 -6.78 -34.59
C THR A 265 -43.54 -7.10 -34.63
N VAL A 266 -44.38 -6.13 -34.28
CA VAL A 266 -45.81 -6.39 -34.23
C VAL A 266 -46.46 -6.31 -35.61
N TRP A 267 -45.79 -5.73 -36.61
CA TRP A 267 -46.33 -5.68 -37.97
C TRP A 267 -45.56 -6.55 -38.95
N LEU A 268 -44.85 -7.52 -38.42
CA LEU A 268 -44.05 -8.34 -39.29
C LEU A 268 -44.88 -8.94 -40.36
N LYS A 269 -46.03 -9.46 -40.00
CA LYS A 269 -46.83 -10.17 -40.97
C LYS A 269 -47.15 -9.35 -42.17
N GLU A 270 -47.67 -8.16 -41.96
CA GLU A 270 -48.10 -7.35 -43.08
C GLU A 270 -46.98 -6.70 -43.80
N MET A 271 -45.77 -6.99 -43.39
CA MET A 271 -44.64 -6.35 -43.99
C MET A 271 -44.03 -7.39 -44.82
N LEU A 272 -44.44 -8.61 -44.59
CA LEU A 272 -43.83 -9.68 -45.32
C LEU A 272 -44.78 -10.05 -46.38
N PHE A 273 -45.93 -10.53 -45.96
CA PHE A 273 -46.88 -10.99 -46.92
C PHE A 273 -47.50 -9.86 -47.70
N TYR A 274 -47.39 -8.62 -47.23
CA TYR A 274 -47.89 -7.53 -48.06
C TYR A 274 -46.95 -6.34 -48.16
N GLY A 275 -46.04 -6.15 -47.21
CA GLY A 275 -45.19 -4.97 -47.23
C GLY A 275 -45.95 -3.68 -47.13
N LYS A 276 -47.04 -3.67 -46.35
CA LYS A 276 -47.93 -2.52 -46.33
C LYS A 276 -47.24 -1.27 -45.82
N TYR A 277 -46.44 -1.40 -44.77
CA TYR A 277 -45.79 -0.25 -44.14
C TYR A 277 -44.32 -0.23 -44.56
N LYS A 278 -43.92 0.84 -45.25
CA LYS A 278 -42.53 1.03 -45.65
C LYS A 278 -41.86 2.18 -44.91
N ILE A 279 -42.64 3.05 -44.27
CA ILE A 279 -42.05 4.16 -43.51
C ILE A 279 -41.16 3.60 -42.39
N ILE A 280 -41.61 2.47 -41.91
CA ILE A 280 -40.94 1.89 -40.81
C ILE A 280 -39.57 1.56 -41.23
N ASP A 281 -39.44 1.18 -42.47
CA ASP A 281 -38.14 0.75 -42.81
C ASP A 281 -37.33 1.91 -43.19
N ILE A 282 -37.97 2.93 -43.71
CA ILE A 282 -37.13 3.98 -44.14
C ILE A 282 -36.60 4.54 -42.89
N LEU A 283 -37.22 4.15 -41.80
CA LEU A 283 -36.81 4.75 -40.54
C LEU A 283 -35.83 3.89 -39.75
N VAL A 284 -35.76 2.59 -40.04
CA VAL A 284 -35.02 1.67 -39.15
C VAL A 284 -33.57 2.11 -38.96
N ASN A 285 -32.94 2.65 -40.01
CA ASN A 285 -31.50 2.90 -39.90
C ASN A 285 -31.14 4.20 -39.18
N PRO A 286 -31.75 5.35 -39.51
CA PRO A 286 -31.39 6.58 -38.78
C PRO A 286 -31.64 6.49 -37.28
N THR A 287 -32.71 5.82 -36.87
CA THR A 287 -32.94 5.60 -35.45
C THR A 287 -31.83 4.75 -34.85
N SER A 288 -31.33 3.78 -35.62
CA SER A 288 -30.22 2.96 -35.15
C SER A 288 -28.96 3.81 -34.96
N SER A 289 -28.71 4.73 -35.88
CA SER A 289 -27.56 5.64 -35.72
C SER A 289 -27.72 6.49 -34.47
N LEU A 290 -28.93 7.00 -34.23
CA LEU A 290 -29.17 7.77 -33.02
C LEU A 290 -28.92 6.93 -31.78
N ALA A 291 -29.36 5.67 -31.80
CA ALA A 291 -29.13 4.79 -30.67
C ALA A 291 -27.64 4.54 -30.45
N PHE A 292 -26.88 4.37 -31.53
CA PHE A 292 -25.45 4.12 -31.40
C PHE A 292 -24.69 5.35 -30.93
N PHE A 293 -25.27 6.54 -31.10
CA PHE A 293 -24.68 7.74 -30.52
C PHE A 293 -24.54 7.65 -29.01
N ASN A 294 -25.41 6.86 -28.36
CA ASN A 294 -25.39 6.74 -26.91
C ASN A 294 -24.06 6.17 -26.41
N SER A 295 -23.48 5.24 -27.18
CA SER A 295 -22.21 4.63 -26.74
C SER A 295 -21.12 5.68 -26.62
N CYS A 296 -21.02 6.59 -27.58
CA CYS A 296 -20.04 7.66 -27.48
C CYS A 296 -20.41 8.64 -26.38
N LEU A 297 -21.70 8.92 -26.21
CA LEU A 297 -22.12 9.90 -25.22
C LEU A 297 -21.93 9.40 -23.78
N ASN A 298 -21.94 8.09 -23.56
CA ASN A 298 -21.95 7.56 -22.20
C ASN A 298 -20.70 7.88 -21.39
N PRO A 299 -19.47 7.62 -21.87
CA PRO A 299 -18.32 7.89 -21.01
C PRO A 299 -18.15 9.36 -20.68
N MET A 300 -18.40 10.24 -21.65
CA MET A 300 -18.28 11.67 -21.41
C MET A 300 -19.23 12.15 -20.32
N LEU A 301 -20.31 11.42 -20.07
CA LEU A 301 -21.29 11.86 -19.10
C LEU A 301 -21.19 11.14 -17.76
N TYR A 302 -20.75 9.88 -17.75
CA TYR A 302 -20.60 9.17 -16.49
C TYR A 302 -19.23 9.35 -15.85
N VAL A 303 -18.16 9.46 -16.63
CA VAL A 303 -16.80 9.45 -16.11
C VAL A 303 -16.17 10.83 -16.15
N PHE A 304 -16.33 11.54 -17.27
CA PHE A 304 -15.67 12.84 -17.42
C PHE A 304 -16.21 13.88 -16.45
N VAL A 305 -17.36 13.65 -15.84
CA VAL A 305 -17.91 14.63 -14.91
C VAL A 305 -17.07 14.69 -13.64
N GLY A 306 -16.45 13.59 -13.25
CA GLY A 306 -15.72 13.53 -11.99
C GLY A 306 -14.53 14.45 -11.87
N GLN A 307 -14.50 15.23 -10.78
CA GLN A 307 -13.40 16.16 -10.57
C GLN A 307 -12.08 15.42 -10.38
N ASP A 308 -12.09 14.34 -9.60
CA ASP A 308 -10.87 13.60 -9.37
C ASP A 308 -10.39 12.91 -10.65
N PHE A 309 -11.32 12.41 -11.45
CA PHE A 309 -10.95 11.81 -12.74
C PHE A 309 -10.30 12.85 -13.65
N ARG A 310 -10.91 14.04 -13.71
CA ARG A 310 -10.35 15.08 -14.57
C ARG A 310 -8.97 15.51 -14.08
N GLU A 311 -8.79 15.65 -12.77
CA GLU A 311 -7.48 16.02 -12.23
C GLU A 311 -6.44 14.94 -12.52
N ARG A 312 -6.83 13.68 -12.37
CA ARG A 312 -5.90 12.59 -12.66
C ARG A 312 -5.48 12.60 -14.12
N LEU A 313 -6.43 12.80 -15.03
CA LEU A 313 -6.08 12.88 -16.45
C LEU A 313 -5.15 14.06 -16.72
N ILE A 314 -5.44 15.22 -16.13
CA ILE A 314 -4.62 16.40 -16.37
C ILE A 314 -3.19 16.15 -15.89
N HIS A 315 -3.03 15.55 -14.71
CA HIS A 315 -1.68 15.27 -14.23
C HIS A 315 -0.99 14.19 -15.05
N SER A 316 -1.75 13.18 -15.51
CA SER A 316 -1.14 12.09 -16.27
C SER A 316 -0.62 12.58 -17.61
N LEU A 317 -1.38 13.42 -18.30
CA LEU A 317 -0.92 13.97 -19.58
C LEU A 317 -1.70 15.22 -19.94
N LEU B 5 12.40 -22.31 -13.45
CA LEU B 5 12.52 -20.90 -13.08
C LEU B 5 12.33 -20.73 -11.58
N SER B 6 12.18 -21.85 -10.87
CA SER B 6 11.97 -21.83 -9.43
C SER B 6 12.17 -23.22 -8.85
N ALA B 7 12.89 -23.32 -7.73
CA ALA B 7 12.96 -24.56 -6.98
C ALA B 7 12.35 -24.43 -5.59
N GLU B 8 12.87 -23.51 -4.77
CA GLU B 8 12.23 -23.10 -3.54
C GLU B 8 11.49 -21.78 -3.71
N ASP B 9 11.73 -21.10 -4.82
CA ASP B 9 11.01 -19.87 -5.12
C ASP B 9 9.53 -20.13 -5.37
N LYS B 10 9.13 -21.35 -5.73
CA LYS B 10 7.71 -21.67 -5.76
C LYS B 10 7.09 -21.53 -4.39
N ALA B 11 7.77 -22.07 -3.37
CA ALA B 11 7.32 -21.88 -2.00
C ALA B 11 7.35 -20.42 -1.61
N ALA B 12 8.37 -19.69 -2.08
CA ALA B 12 8.44 -18.26 -1.78
C ALA B 12 7.24 -17.52 -2.35
N VAL B 13 6.87 -17.83 -3.60
CA VAL B 13 5.76 -17.14 -4.25
C VAL B 13 4.44 -17.51 -3.59
N GLU B 14 4.34 -18.69 -3.05
CA GLU B 14 3.06 -18.96 -2.46
C GLU B 14 2.99 -18.28 -1.15
N ARG B 15 4.06 -18.31 -0.42
CA ARG B 15 4.06 -17.55 0.83
C ARG B 15 3.67 -16.09 0.57
N SER B 16 4.24 -15.49 -0.48
CA SER B 16 3.94 -14.10 -0.80
C SER B 16 2.47 -13.92 -1.13
N LYS B 17 1.90 -14.84 -1.91
CA LYS B 17 0.50 -14.68 -2.31
C LYS B 17 -0.44 -14.92 -1.13
N MET B 18 -0.12 -15.88 -0.25
CA MET B 18 -0.95 -16.10 0.92
C MET B 18 -0.96 -14.86 1.81
N ILE B 19 0.20 -14.28 2.06
CA ILE B 19 0.20 -13.09 2.92
C ILE B 19 -0.36 -11.86 2.21
N ASP B 20 -0.31 -11.81 0.88
CA ASP B 20 -1.00 -10.74 0.15
C ASP B 20 -2.52 -10.86 0.29
N ARG B 21 -3.03 -12.09 0.22
CA ARG B 21 -4.46 -12.30 0.46
C ARG B 21 -4.84 -11.88 1.88
N ASN B 22 -4.00 -12.24 2.85
CA ASN B 22 -4.23 -11.80 4.22
C ASN B 22 -4.25 -10.28 4.32
N LEU B 23 -3.33 -9.62 3.62
CA LEU B 23 -3.29 -8.16 3.64
C LEU B 23 -4.56 -7.56 3.07
N ARG B 24 -5.06 -8.11 1.96
CA ARG B 24 -6.29 -7.56 1.38
C ARG B 24 -7.48 -7.74 2.32
N GLU B 25 -7.56 -8.90 2.97
CA GLU B 25 -8.65 -9.11 3.92
C GLU B 25 -8.58 -8.12 5.07
N ASP B 26 -7.39 -7.92 5.64
CA ASP B 26 -7.23 -6.98 6.75
C ASP B 26 -7.52 -5.55 6.29
N GLY B 27 -7.13 -5.20 5.07
CA GLY B 27 -7.39 -3.87 4.57
C GLY B 27 -8.87 -3.60 4.35
N GLU B 28 -9.61 -4.60 3.86
CA GLU B 28 -11.05 -4.44 3.74
C GLU B 28 -11.70 -4.29 5.12
N LYS B 29 -11.25 -5.09 6.09
CA LYS B 29 -11.76 -4.93 7.45
C LYS B 29 -11.46 -3.54 8.00
N ALA B 30 -10.30 -2.98 7.66
CA ALA B 30 -9.96 -1.63 8.11
C ALA B 30 -10.84 -0.59 7.43
N ALA B 31 -11.00 -0.70 6.11
CA ALA B 31 -11.82 0.26 5.37
C ALA B 31 -13.28 0.22 5.78
N ARG B 32 -13.73 -0.89 6.37
CA ARG B 32 -15.11 -0.96 6.85
C ARG B 32 -15.42 0.09 7.92
N GLU B 33 -14.42 0.60 8.62
CA GLU B 33 -14.67 1.48 9.76
C GLU B 33 -14.64 2.96 9.35
N VAL B 34 -15.12 3.80 10.26
CA VAL B 34 -15.13 5.25 10.07
C VAL B 34 -14.35 5.89 11.21
N LYS B 35 -13.59 6.94 10.90
CA LYS B 35 -12.59 7.50 11.81
C LYS B 35 -12.96 8.92 12.19
N LEU B 36 -12.75 9.25 13.47
CA LEU B 36 -13.07 10.56 14.00
C LEU B 36 -11.95 11.04 14.93
N LEU B 37 -11.59 12.31 14.80
CA LEU B 37 -10.67 12.94 15.74
C LEU B 37 -11.42 13.38 17.00
N LEU B 38 -10.66 13.88 17.98
CA LEU B 38 -11.26 14.42 19.20
C LEU B 38 -10.29 15.46 19.76
N LEU B 39 -10.61 16.72 19.57
CA LEU B 39 -9.78 17.83 20.01
C LEU B 39 -10.47 18.59 21.14
N GLY B 40 -9.68 19.39 21.84
CA GLY B 40 -10.22 20.21 22.91
C GLY B 40 -9.14 21.08 23.50
N ALA B 41 -9.54 21.89 24.48
CA ALA B 41 -8.64 22.77 25.19
C ALA B 41 -8.20 22.20 26.52
N GLY B 42 -8.50 20.93 26.80
CA GLY B 42 -8.16 20.32 28.07
C GLY B 42 -9.29 20.46 29.07
N GLU B 43 -9.64 21.72 29.38
CA GLU B 43 -10.79 21.96 30.25
C GLU B 43 -12.09 21.51 29.60
N SER B 44 -12.11 21.35 28.28
CA SER B 44 -13.30 20.89 27.60
C SER B 44 -13.65 19.47 28.03
N GLY B 45 -14.95 19.18 28.08
CA GLY B 45 -15.42 17.91 28.57
C GLY B 45 -15.34 16.77 27.57
N LYS B 46 -14.17 16.57 26.97
CA LYS B 46 -14.00 15.40 26.12
C LYS B 46 -14.07 14.11 26.93
N SER B 47 -13.71 14.17 28.21
CA SER B 47 -13.90 13.01 29.08
C SER B 47 -15.38 12.68 29.24
N THR B 48 -16.23 13.69 29.42
CA THR B 48 -17.66 13.45 29.50
C THR B 48 -18.22 13.00 28.16
N ILE B 49 -17.67 13.50 27.05
CA ILE B 49 -18.12 13.08 25.73
C ILE B 49 -17.81 11.60 25.51
N VAL B 50 -16.60 11.17 25.83
CA VAL B 50 -16.25 9.75 25.62
C VAL B 50 -17.00 8.87 26.61
N LYS B 51 -17.23 9.37 27.84
CA LYS B 51 -18.06 8.62 28.77
C LYS B 51 -19.49 8.49 28.26
N GLN B 52 -19.96 9.46 27.47
CA GLN B 52 -21.32 9.38 26.95
C GLN B 52 -21.48 8.22 25.99
N MET B 53 -20.53 8.02 25.09
CA MET B 53 -20.53 6.81 24.28
C MET B 53 -20.28 5.60 25.18
N LYS B 54 -21.10 4.56 24.98
CA LYS B 54 -21.19 3.46 25.94
C LYS B 54 -19.86 2.73 26.12
N ILE B 55 -19.36 2.10 25.07
CA ILE B 55 -18.15 1.29 25.16
C ILE B 55 -17.71 0.82 23.79
N THR B 182 -0.15 5.61 27.92
CA THR B 182 0.04 7.02 27.64
C THR B 182 0.34 7.22 26.16
N GLY B 183 -0.07 8.36 25.61
CA GLY B 183 0.11 8.62 24.20
C GLY B 183 -1.22 8.87 23.52
N ILE B 184 -1.50 8.13 22.45
CA ILE B 184 -2.76 8.23 21.74
C ILE B 184 -3.66 7.08 22.18
N VAL B 185 -4.86 7.43 22.63
CA VAL B 185 -5.81 6.46 23.15
C VAL B 185 -6.97 6.34 22.17
N GLU B 186 -7.36 5.11 21.86
CA GLU B 186 -8.39 4.83 20.87
C GLU B 186 -9.55 4.09 21.52
N THR B 187 -10.76 4.46 21.12
CA THR B 187 -11.97 3.83 21.61
C THR B 187 -12.79 3.33 20.44
N HIS B 188 -13.40 2.17 20.62
CA HIS B 188 -14.29 1.56 19.64
C HIS B 188 -15.72 1.60 20.14
N PHE B 189 -16.67 1.88 19.25
CA PHE B 189 -18.07 1.69 19.57
C PHE B 189 -18.86 1.57 18.29
N THR B 190 -19.98 0.86 18.38
CA THR B 190 -20.87 0.63 17.25
C THR B 190 -22.27 1.12 17.60
N PHE B 191 -23.03 1.51 16.57
CA PHE B 191 -24.36 2.06 16.78
C PHE B 191 -25.14 1.92 15.49
N LYS B 192 -26.24 1.17 15.53
CA LYS B 192 -27.05 0.88 14.35
C LYS B 192 -26.20 0.28 13.23
N ASP B 193 -25.32 -0.65 13.61
CA ASP B 193 -24.46 -1.39 12.67
C ASP B 193 -23.54 -0.45 11.90
N LEU B 194 -22.72 0.29 12.65
CA LEU B 194 -21.68 1.13 12.08
C LEU B 194 -20.52 1.17 13.06
N HIS B 195 -19.32 0.85 12.58
CA HIS B 195 -18.15 0.71 13.44
C HIS B 195 -17.39 2.02 13.50
N PHE B 196 -17.31 2.60 14.69
CA PHE B 196 -16.69 3.89 14.92
C PHE B 196 -15.36 3.71 15.64
N LYS B 197 -14.32 4.32 15.11
CA LYS B 197 -13.03 4.44 15.80
C LYS B 197 -12.75 5.91 16.07
N MET B 198 -12.40 6.23 17.30
CA MET B 198 -12.12 7.59 17.71
C MET B 198 -10.72 7.66 18.30
N PHE B 199 -9.95 8.63 17.83
CA PHE B 199 -8.59 8.85 18.31
C PHE B 199 -8.59 10.11 19.16
N ASP B 200 -8.11 9.99 20.40
CA ASP B 200 -8.10 11.09 21.35
C ASP B 200 -6.65 11.51 21.54
N VAL B 201 -6.29 12.66 21.00
CA VAL B 201 -5.02 13.28 21.27
C VAL B 201 -5.23 14.34 22.34
N GLY B 202 -4.13 14.82 22.93
CA GLY B 202 -4.24 15.78 23.99
C GLY B 202 -3.16 15.55 25.03
N GLY B 203 -2.59 14.35 25.03
CA GLY B 203 -1.42 14.11 25.86
C GLY B 203 -0.18 14.75 25.28
N GLN B 204 -0.08 14.82 23.96
CA GLN B 204 1.09 15.41 23.30
C GLN B 204 1.13 16.91 23.56
N ARG B 205 2.07 17.35 24.38
CA ARG B 205 2.26 18.79 24.62
C ARG B 205 3.37 19.33 23.71
N SER B 206 3.16 19.15 22.41
CA SER B 206 4.14 19.53 21.40
C SER B 206 3.46 20.35 20.32
N GLU B 207 4.25 20.80 19.35
CA GLU B 207 3.70 21.51 18.21
C GLU B 207 2.83 20.56 17.39
N ARG B 208 1.56 20.94 17.21
CA ARG B 208 0.60 20.04 16.60
C ARG B 208 0.87 19.82 15.12
N LYS B 209 1.46 20.82 14.45
CA LYS B 209 1.55 20.82 12.99
C LYS B 209 2.33 19.62 12.46
N LYS B 210 3.17 18.99 13.27
CA LYS B 210 3.99 17.90 12.76
C LYS B 210 3.26 16.57 12.70
N TRP B 211 2.24 16.37 13.54
CA TRP B 211 1.46 15.15 13.49
C TRP B 211 0.00 15.37 13.15
N ILE B 212 -0.42 16.60 12.89
CA ILE B 212 -1.79 16.83 12.47
C ILE B 212 -2.05 16.29 11.08
N HIS B 213 -1.00 16.05 10.29
CA HIS B 213 -1.20 15.54 8.94
C HIS B 213 -1.38 14.03 8.90
N CYS B 214 -1.16 13.33 10.01
CA CYS B 214 -1.43 11.90 10.04
C CYS B 214 -2.92 11.61 9.91
N PHE B 215 -3.77 12.49 10.44
CA PHE B 215 -5.22 12.33 10.32
C PHE B 215 -5.75 13.08 9.10
N GLU B 216 -5.15 12.85 7.93
CA GLU B 216 -5.51 13.57 6.73
C GLU B 216 -6.63 12.91 5.96
N GLY B 217 -7.26 11.88 6.52
CA GLY B 217 -8.30 11.16 5.82
C GLY B 217 -9.45 10.77 6.72
N VAL B 218 -9.47 11.32 7.94
CA VAL B 218 -10.59 11.06 8.84
C VAL B 218 -11.87 11.61 8.22
N THR B 219 -13.00 11.06 8.63
CA THR B 219 -14.27 11.49 8.07
C THR B 219 -14.73 12.81 8.69
N ALA B 220 -14.72 12.89 10.03
CA ALA B 220 -15.16 14.09 10.71
C ALA B 220 -14.20 14.41 11.84
N ILE B 221 -14.37 15.59 12.43
CA ILE B 221 -13.58 16.06 13.54
C ILE B 221 -14.54 16.50 14.64
N ILE B 222 -14.34 15.99 15.85
CA ILE B 222 -15.16 16.37 17.00
C ILE B 222 -14.37 17.41 17.79
N PHE B 223 -14.97 18.59 17.96
CA PHE B 223 -14.33 19.71 18.63
C PHE B 223 -15.21 20.16 19.78
N CYS B 224 -14.65 20.21 20.98
CA CYS B 224 -15.41 20.52 22.18
C CYS B 224 -14.86 21.79 22.81
N VAL B 225 -15.76 22.71 23.18
CA VAL B 225 -15.42 23.85 24.00
C VAL B 225 -16.39 23.91 25.16
N ALA B 226 -15.96 24.56 26.23
CA ALA B 226 -16.77 24.70 27.44
C ALA B 226 -17.42 26.07 27.46
N LEU B 227 -18.74 26.10 27.60
CA LEU B 227 -19.45 27.37 27.70
C LEU B 227 -19.14 28.07 29.02
N SER B 228 -18.80 27.31 30.05
CA SER B 228 -18.35 27.88 31.31
C SER B 228 -16.89 28.31 31.19
N ASP B 229 -16.65 29.24 30.27
CA ASP B 229 -15.32 29.72 29.96
C ASP B 229 -15.14 31.17 30.37
N TYR B 230 -15.70 31.56 31.50
CA TYR B 230 -15.54 32.90 32.04
C TYR B 230 -14.68 32.94 33.29
N ASP B 231 -13.91 31.88 33.55
CA ASP B 231 -13.07 31.81 34.75
C ASP B 231 -11.70 31.20 34.46
N LEU B 232 -11.27 31.18 33.20
CA LEU B 232 -9.99 30.58 32.87
C LEU B 232 -8.86 31.59 33.03
N VAL B 233 -7.63 31.13 32.77
CA VAL B 233 -6.45 31.96 32.93
C VAL B 233 -6.35 32.98 31.80
N MET B 243 -11.75 29.92 26.80
CA MET B 243 -12.06 31.31 26.52
C MET B 243 -11.88 31.62 25.03
N HIS B 244 -11.16 32.70 24.75
CA HIS B 244 -10.77 32.98 23.37
C HIS B 244 -9.67 32.04 22.90
N GLU B 245 -9.00 31.35 23.82
CA GLU B 245 -7.97 30.39 23.44
C GLU B 245 -8.55 29.25 22.62
N SER B 246 -9.71 28.74 23.02
CA SER B 246 -10.35 27.67 22.25
C SER B 246 -10.84 28.16 20.90
N MET B 247 -11.28 29.42 20.83
CA MET B 247 -11.62 30.00 19.53
C MET B 247 -10.40 30.06 18.63
N LYS B 248 -9.26 30.44 19.19
CA LYS B 248 -8.01 30.41 18.43
C LYS B 248 -7.69 28.98 18.00
N LEU B 249 -7.92 28.01 18.88
CA LEU B 249 -7.75 26.61 18.50
C LEU B 249 -8.71 26.23 17.38
N PHE B 250 -9.96 26.69 17.45
CA PHE B 250 -10.92 26.39 16.40
C PHE B 250 -10.50 27.01 15.07
N ASP B 251 -9.97 28.24 15.11
CA ASP B 251 -9.60 28.91 13.88
C ASP B 251 -8.50 28.15 13.16
N SER B 252 -7.49 27.69 13.89
CA SER B 252 -6.41 26.93 13.28
C SER B 252 -6.93 25.63 12.68
N ILE B 253 -7.82 24.94 13.39
CA ILE B 253 -8.25 23.63 12.93
C ILE B 253 -9.29 23.75 11.81
N CYS B 254 -10.05 24.83 11.78
CA CYS B 254 -11.11 24.98 10.77
C CYS B 254 -10.60 25.59 9.47
N ASN B 255 -9.38 26.12 9.45
CA ASN B 255 -8.78 26.61 8.22
C ASN B 255 -7.53 25.84 7.83
N ASN B 256 -7.13 24.84 8.61
CA ASN B 256 -5.92 24.09 8.33
C ASN B 256 -6.02 23.43 6.96
N LYS B 257 -4.90 23.41 6.23
CA LYS B 257 -4.91 22.96 4.85
C LYS B 257 -5.24 21.48 4.71
N TRP B 258 -5.03 20.68 5.75
CA TRP B 258 -5.33 19.26 5.65
C TRP B 258 -6.82 18.96 5.73
N PHE B 259 -7.61 19.86 6.28
CA PHE B 259 -9.04 19.63 6.52
C PHE B 259 -9.90 20.62 5.74
N THR B 260 -9.49 20.97 4.52
CA THR B 260 -10.26 21.91 3.74
C THR B 260 -11.64 21.36 3.37
N ASP B 261 -11.81 20.04 3.37
CA ASP B 261 -13.08 19.44 3.00
C ASP B 261 -13.51 18.40 4.03
N THR B 262 -13.11 18.57 5.28
CA THR B 262 -13.47 17.66 6.36
C THR B 262 -14.42 18.36 7.31
N SER B 263 -15.56 17.73 7.58
CA SER B 263 -16.58 18.35 8.40
C SER B 263 -16.13 18.43 9.86
N ILE B 264 -16.72 19.38 10.58
CA ILE B 264 -16.40 19.63 11.99
C ILE B 264 -17.69 19.50 12.78
N ILE B 265 -17.66 18.70 13.83
CA ILE B 265 -18.78 18.56 14.75
C ILE B 265 -18.44 19.34 16.00
N LEU B 266 -19.19 20.41 16.25
CA LEU B 266 -18.89 21.35 17.32
C LEU B 266 -19.81 21.04 18.50
N PHE B 267 -19.26 20.44 19.54
CA PHE B 267 -20.00 20.11 20.74
C PHE B 267 -19.89 21.25 21.74
N LEU B 268 -21.03 21.75 22.19
CA LEU B 268 -21.09 22.74 23.25
C LEU B 268 -21.48 22.04 24.54
N ASN B 269 -20.64 22.17 25.57
CA ASN B 269 -20.79 21.41 26.80
C ASN B 269 -21.06 22.34 27.97
N LYS B 270 -21.59 21.74 29.04
CA LYS B 270 -21.86 22.43 30.31
C LYS B 270 -22.90 23.55 30.12
N LYS B 271 -24.03 23.19 29.52
CA LYS B 271 -25.09 24.17 29.31
C LYS B 271 -25.80 24.53 30.61
N ASP B 272 -25.99 23.57 31.51
CA ASP B 272 -26.64 23.86 32.78
C ASP B 272 -25.77 24.78 33.64
N LEU B 273 -24.49 24.45 33.76
CA LEU B 273 -23.57 25.33 34.46
C LEU B 273 -23.47 26.68 33.77
N PHE B 274 -23.56 26.70 32.44
CA PHE B 274 -23.52 27.97 31.72
C PHE B 274 -24.70 28.85 32.09
N GLU B 275 -25.90 28.27 32.13
CA GLU B 275 -27.08 29.04 32.51
C GLU B 275 -26.96 29.55 33.95
N GLU B 276 -26.53 28.66 34.86
CA GLU B 276 -26.40 29.05 36.25
C GLU B 276 -25.38 30.17 36.42
N LYS B 277 -24.27 30.10 35.69
CA LYS B 277 -23.23 31.13 35.81
C LYS B 277 -23.68 32.44 35.17
N ILE B 278 -24.29 32.38 33.97
CA ILE B 278 -24.69 33.59 33.27
C ILE B 278 -25.86 34.26 33.96
N LYS B 279 -26.57 33.56 34.84
CA LYS B 279 -27.59 34.23 35.64
C LYS B 279 -27.00 35.35 36.49
N LYS B 280 -25.70 35.31 36.77
CA LYS B 280 -25.04 36.35 37.55
C LYS B 280 -23.94 37.07 36.77
N SER B 281 -23.03 36.34 36.15
CA SER B 281 -21.91 36.94 35.45
C SER B 281 -22.39 37.64 34.18
N PRO B 282 -21.67 38.67 33.74
CA PRO B 282 -22.06 39.36 32.50
C PRO B 282 -21.39 38.79 31.26
N LEU B 283 -22.16 38.76 30.17
CA LEU B 283 -21.60 38.38 28.89
C LEU B 283 -20.58 39.39 28.39
N THR B 284 -20.66 40.64 28.86
CA THR B 284 -19.70 41.66 28.44
C THR B 284 -18.32 41.45 29.05
N ILE B 285 -18.21 40.59 30.07
CA ILE B 285 -16.92 40.32 30.68
C ILE B 285 -15.95 39.75 29.64
N CYS B 286 -16.45 38.88 28.77
CA CYS B 286 -15.63 38.29 27.73
C CYS B 286 -15.77 39.05 26.40
N TYR B 287 -16.99 39.39 26.02
CA TYR B 287 -17.24 40.00 24.72
C TYR B 287 -17.67 41.44 24.88
N PRO B 288 -16.80 42.41 24.59
CA PRO B 288 -17.24 43.82 24.70
C PRO B 288 -18.16 44.24 23.56
N GLU B 289 -17.88 43.82 22.33
CA GLU B 289 -18.67 44.25 21.20
C GLU B 289 -20.10 43.73 21.24
N TYR B 290 -20.36 42.72 22.08
CA TYR B 290 -21.68 42.13 22.15
C TYR B 290 -22.70 43.15 22.63
N ALA B 291 -23.93 43.01 22.13
CA ALA B 291 -25.03 43.88 22.53
C ALA B 291 -26.32 43.07 22.45
N GLY B 292 -26.80 42.62 23.60
CA GLY B 292 -28.02 41.85 23.64
C GLY B 292 -28.40 41.52 25.06
N SER B 293 -29.52 40.81 25.20
CA SER B 293 -30.05 40.49 26.51
C SER B 293 -29.14 39.49 27.22
N ASN B 294 -29.22 39.51 28.55
CA ASN B 294 -28.54 38.51 29.38
C ASN B 294 -29.48 37.32 29.60
N THR B 295 -29.70 36.59 28.49
CA THR B 295 -30.65 35.50 28.47
C THR B 295 -29.96 34.26 27.91
N TYR B 296 -30.43 33.09 28.36
CA TYR B 296 -29.85 31.83 27.92
C TYR B 296 -29.84 31.72 26.39
N GLU B 297 -31.00 31.87 25.77
CA GLU B 297 -31.11 31.67 24.33
C GLU B 297 -30.28 32.70 23.57
N GLU B 298 -30.34 33.96 23.99
CA GLU B 298 -29.60 35.02 23.29
C GLU B 298 -28.10 34.78 23.38
N ALA B 299 -27.61 34.45 24.58
CA ALA B 299 -26.19 34.20 24.75
C ALA B 299 -25.74 32.99 23.95
N ALA B 300 -26.54 31.92 23.96
CA ALA B 300 -26.18 30.72 23.21
C ALA B 300 -26.12 31.02 21.71
N ALA B 301 -27.11 31.75 21.20
CA ALA B 301 -27.13 32.10 19.79
C ALA B 301 -25.93 32.96 19.42
N TYR B 302 -25.58 33.93 20.28
CA TYR B 302 -24.44 34.78 20.00
C TYR B 302 -23.15 33.98 19.94
N ILE B 303 -22.93 33.11 20.93
CA ILE B 303 -21.71 32.30 20.96
C ILE B 303 -21.65 31.40 19.73
N GLN B 304 -22.78 30.80 19.37
CA GLN B 304 -22.82 29.96 18.19
C GLN B 304 -22.47 30.75 16.93
N CYS B 305 -23.01 31.96 16.81
CA CYS B 305 -22.73 32.78 15.63
C CYS B 305 -21.26 33.13 15.54
N GLN B 306 -20.66 33.53 16.67
CA GLN B 306 -19.24 33.86 16.66
C GLN B 306 -18.37 32.65 16.33
N PHE B 307 -18.78 31.47 16.77
CA PHE B 307 -18.03 30.28 16.36
C PHE B 307 -18.21 29.98 14.88
N GLU B 308 -19.44 30.12 14.37
CA GLU B 308 -19.70 29.78 12.97
C GLU B 308 -18.98 30.70 12.00
N ASP B 309 -19.02 32.01 12.26
CA ASP B 309 -18.46 32.93 11.27
C ASP B 309 -16.95 32.82 11.15
N LEU B 310 -16.29 32.10 12.04
CA LEU B 310 -14.87 31.80 11.88
C LEU B 310 -14.61 30.91 10.67
N ASN B 311 -15.61 30.17 10.22
CA ASN B 311 -15.46 29.33 9.03
C ASN B 311 -15.24 30.20 7.81
N LYS B 312 -14.26 29.83 6.99
CA LYS B 312 -13.92 30.59 5.80
C LYS B 312 -14.29 29.92 4.49
N ARG B 313 -14.50 28.60 4.50
CA ARG B 313 -14.71 27.86 3.26
C ARG B 313 -16.07 27.16 3.27
N LYS B 314 -17.12 27.88 3.65
CA LYS B 314 -18.45 27.29 3.81
C LYS B 314 -19.02 26.73 2.51
N ASP B 315 -18.33 26.88 1.38
CA ASP B 315 -18.79 26.22 0.16
C ASP B 315 -18.47 24.72 0.19
N THR B 316 -17.31 24.36 0.74
CA THR B 316 -16.90 22.96 0.79
C THR B 316 -16.70 22.53 2.24
N LYS B 317 -17.62 22.89 3.10
CA LYS B 317 -17.47 22.64 4.53
C LYS B 317 -18.85 22.70 5.18
N GLU B 318 -18.96 22.09 6.35
CA GLU B 318 -20.18 22.17 7.12
C GLU B 318 -19.83 22.07 8.60
N ILE B 319 -20.47 22.90 9.41
CA ILE B 319 -20.32 22.87 10.86
C ILE B 319 -21.65 22.44 11.46
N TYR B 320 -21.63 21.33 12.17
CA TYR B 320 -22.81 20.83 12.87
C TYR B 320 -22.69 21.21 14.33
N THR B 321 -23.67 21.95 14.83
CA THR B 321 -23.62 22.51 16.17
C THR B 321 -24.67 21.83 17.05
N HIS B 322 -24.33 21.64 18.32
CA HIS B 322 -25.22 20.93 19.22
C HIS B 322 -24.96 21.40 20.65
N PHE B 323 -26.04 21.57 21.41
CA PHE B 323 -25.98 21.90 22.82
C PHE B 323 -26.30 20.66 23.63
N THR B 324 -25.38 20.27 24.51
CA THR B 324 -25.54 19.06 25.30
C THR B 324 -24.97 19.29 26.70
N CYS B 325 -25.13 18.29 27.56
CA CYS B 325 -24.72 18.39 28.94
C CYS B 325 -24.30 17.00 29.42
N ALA B 326 -24.21 16.82 30.72
CA ALA B 326 -23.78 15.56 31.31
C ALA B 326 -24.92 14.58 31.53
N THR B 327 -26.14 14.93 31.13
CA THR B 327 -27.30 14.07 31.31
C THR B 327 -28.01 13.74 30.01
N ASP B 328 -27.40 14.05 28.86
CA ASP B 328 -28.06 13.81 27.59
C ASP B 328 -27.72 12.41 27.07
N THR B 329 -28.53 11.95 26.11
CA THR B 329 -28.31 10.66 25.47
C THR B 329 -28.42 10.70 23.95
N LYS B 330 -28.82 11.82 23.35
CA LYS B 330 -28.97 11.92 21.90
C LYS B 330 -27.73 12.43 21.20
N ASN B 331 -26.64 12.66 21.94
CA ASN B 331 -25.41 13.15 21.31
C ASN B 331 -24.82 12.12 20.35
N VAL B 332 -24.87 10.84 20.71
CA VAL B 332 -24.39 9.81 19.80
C VAL B 332 -25.25 9.75 18.55
N GLN B 333 -26.55 9.98 18.68
CA GLN B 333 -27.42 9.98 17.51
C GLN B 333 -27.15 11.19 16.63
N PHE B 334 -26.84 12.33 17.24
CA PHE B 334 -26.44 13.51 16.45
C PHE B 334 -25.15 13.24 15.69
N VAL B 335 -24.17 12.60 16.35
CA VAL B 335 -22.94 12.20 15.67
C VAL B 335 -23.26 11.26 14.50
N PHE B 336 -24.19 10.33 14.72
CA PHE B 336 -24.56 9.39 13.67
C PHE B 336 -25.19 10.09 12.48
N ASP B 337 -26.09 11.05 12.72
CA ASP B 337 -26.70 11.81 11.63
C ASP B 337 -25.65 12.58 10.85
N ALA B 338 -24.75 13.26 11.56
CA ALA B 338 -23.70 14.02 10.88
C ALA B 338 -22.81 13.09 10.05
N VAL B 339 -22.44 11.94 10.61
CA VAL B 339 -21.52 11.05 9.93
C VAL B 339 -22.18 10.43 8.71
N THR B 340 -23.46 10.07 8.81
CA THR B 340 -24.12 9.51 7.64
C THR B 340 -24.32 10.57 6.56
N ASP B 341 -24.52 11.83 6.96
CA ASP B 341 -24.56 12.90 5.97
C ASP B 341 -23.23 13.05 5.25
N VAL B 342 -22.13 13.00 6.00
CA VAL B 342 -20.81 13.11 5.39
C VAL B 342 -20.55 11.92 4.46
N ILE B 343 -21.00 10.73 4.86
CA ILE B 343 -20.82 9.54 4.04
C ILE B 343 -21.59 9.68 2.73
N ILE B 344 -22.84 10.14 2.81
CA ILE B 344 -23.63 10.37 1.59
C ILE B 344 -22.96 11.39 0.71
N LYS B 345 -22.44 12.47 1.31
CA LYS B 345 -21.78 13.53 0.55
C LYS B 345 -20.55 12.99 -0.18
N ASN B 346 -19.74 12.19 0.52
CA ASN B 346 -18.55 11.63 -0.10
C ASN B 346 -18.89 10.66 -1.22
N ASN B 347 -19.92 9.83 -1.02
CA ASN B 347 -20.34 8.93 -2.08
C ASN B 347 -20.83 9.68 -3.30
N LEU B 348 -21.62 10.73 -3.09
CA LEU B 348 -22.10 11.54 -4.22
C LEU B 348 -20.95 12.23 -4.93
N LYS B 349 -19.96 12.70 -4.18
CA LYS B 349 -18.81 13.36 -4.79
C LYS B 349 -17.95 12.37 -5.57
N ASP B 350 -17.91 11.11 -5.13
CA ASP B 350 -17.28 10.08 -5.95
C ASP B 350 -18.09 9.82 -7.22
N CYS B 351 -19.41 9.79 -7.10
CA CYS B 351 -20.27 9.51 -8.25
C CYS B 351 -20.39 10.69 -9.21
N GLY B 352 -19.86 11.85 -8.83
CA GLY B 352 -19.82 12.99 -9.74
C GLY B 352 -21.09 13.81 -9.79
N LEU B 353 -22.09 13.47 -8.98
CA LEU B 353 -23.32 14.25 -8.92
C LEU B 353 -23.25 15.38 -7.90
N PHE B 354 -22.10 15.59 -7.27
CA PHE B 354 -21.98 16.63 -6.26
C PHE B 354 -20.51 16.99 -6.03
N ASP C 23 19.13 36.76 36.58
CA ASP C 23 20.35 37.35 37.11
C ASP C 23 21.15 38.03 36.00
N GLN C 24 22.47 37.97 36.11
CA GLN C 24 23.37 38.52 35.10
C GLN C 24 23.88 37.43 34.15
N LEU C 25 23.34 36.21 34.24
CA LEU C 25 23.79 35.14 33.36
C LEU C 25 23.36 35.39 31.92
N ARG C 26 22.17 35.96 31.71
CA ARG C 26 21.72 36.28 30.36
C ARG C 26 22.63 37.32 29.71
N GLN C 27 23.08 38.31 30.49
CA GLN C 27 24.10 39.24 29.99
C GLN C 27 25.38 38.50 29.64
N GLU C 28 25.79 37.56 30.51
CA GLU C 28 26.93 36.71 30.18
C GLU C 28 26.64 35.82 28.98
N ALA C 29 25.40 35.31 28.90
CA ALA C 29 25.02 34.47 27.77
C ALA C 29 25.12 35.25 26.46
N GLU C 30 24.70 36.52 26.47
CA GLU C 30 24.86 37.35 25.29
C GLU C 30 26.34 37.54 24.94
N GLN C 31 27.18 37.74 25.95
CA GLN C 31 28.61 37.88 25.70
C GLN C 31 29.19 36.59 25.12
N LEU C 32 28.77 35.44 25.63
CA LEU C 32 29.27 34.18 25.09
C LEU C 32 28.69 33.90 23.71
N LYS C 33 27.39 34.16 23.52
CA LYS C 33 26.78 33.94 22.21
C LYS C 33 27.39 34.87 21.17
N ASN C 34 27.65 36.12 21.54
CA ASN C 34 28.36 37.02 20.63
C ASN C 34 29.79 36.53 20.37
N GLN C 35 30.46 36.04 21.42
CA GLN C 35 31.80 35.51 21.24
C GLN C 35 31.80 34.24 20.39
N ILE C 36 30.69 33.49 20.40
CA ILE C 36 30.58 32.31 19.56
C ILE C 36 30.72 32.69 18.09
N ARG C 37 29.94 33.69 17.66
CA ARG C 37 29.97 34.10 16.26
C ARG C 37 31.34 34.62 15.85
N ASP C 38 32.07 35.22 16.77
CA ASP C 38 33.40 35.74 16.45
C ASP C 38 34.35 34.61 16.05
N ALA C 39 34.41 33.56 16.87
CA ALA C 39 35.26 32.42 16.54
C ALA C 39 34.79 31.73 15.27
N ARG C 40 33.49 31.73 15.00
CA ARG C 40 32.98 31.16 13.76
C ARG C 40 33.52 31.90 12.54
N LYS C 41 33.57 33.24 12.63
CA LYS C 41 33.94 34.04 11.45
C LYS C 41 35.37 33.75 11.00
N ALA C 42 36.30 33.65 11.94
CA ALA C 42 37.71 33.51 11.60
C ALA C 42 38.06 32.16 10.99
N CYS C 43 37.15 31.18 11.04
CA CYS C 43 37.50 29.84 10.58
C CYS C 43 37.52 29.73 9.06
N ALA C 44 36.67 30.49 8.36
CA ALA C 44 36.50 30.32 6.92
C ALA C 44 37.70 30.90 6.20
N ASP C 45 38.79 30.14 6.18
CA ASP C 45 40.00 30.56 5.49
C ASP C 45 39.83 30.60 3.98
N ALA C 46 38.80 29.95 3.45
CA ALA C 46 38.57 29.92 2.01
C ALA C 46 37.08 29.63 1.79
N THR C 47 36.73 29.31 0.54
CA THR C 47 35.34 29.02 0.18
C THR C 47 35.28 27.73 -0.60
N LEU C 48 34.09 27.12 -0.60
CA LEU C 48 33.89 25.90 -1.36
C LEU C 48 34.10 26.12 -2.85
N SER C 49 33.85 27.35 -3.33
CA SER C 49 34.14 27.66 -4.72
C SER C 49 35.64 27.54 -5.00
N GLN C 50 36.47 28.07 -4.11
CA GLN C 50 37.91 27.93 -4.27
C GLN C 50 38.34 26.47 -4.15
N ILE C 51 37.75 25.73 -3.20
CA ILE C 51 38.15 24.36 -2.98
C ILE C 51 37.81 23.48 -4.17
N THR C 52 36.60 23.62 -4.72
CA THR C 52 36.12 22.78 -5.80
C THR C 52 36.36 23.40 -7.17
N ASN C 53 37.38 24.23 -7.31
CA ASN C 53 37.68 24.84 -8.61
C ASN C 53 38.11 23.81 -9.64
N ASN C 54 38.58 22.64 -9.21
CA ASN C 54 39.00 21.57 -10.11
C ASN C 54 38.10 20.37 -9.86
N ILE C 55 36.95 20.38 -10.51
CA ILE C 55 35.95 19.32 -10.39
C ILE C 55 35.18 19.23 -11.70
N ASP C 56 34.93 18.00 -12.16
CA ASP C 56 34.14 17.78 -13.35
C ASP C 56 32.67 17.61 -12.97
N PRO C 57 31.76 18.42 -13.49
CA PRO C 57 30.34 18.25 -13.14
C PRO C 57 29.83 16.87 -13.52
N VAL C 58 28.87 16.38 -12.74
CA VAL C 58 28.46 14.98 -12.85
C VAL C 58 27.61 14.67 -14.07
N GLY C 59 26.85 15.65 -14.58
CA GLY C 59 25.95 15.36 -15.68
C GLY C 59 24.50 15.24 -15.22
N ARG C 60 23.60 15.39 -16.18
CA ARG C 60 22.16 15.35 -15.90
C ARG C 60 21.78 13.91 -15.60
N ILE C 61 22.03 13.51 -14.35
CA ILE C 61 21.82 12.13 -13.93
C ILE C 61 20.34 11.84 -13.81
N GLN C 62 19.91 10.72 -14.40
CA GLN C 62 18.52 10.29 -14.36
C GLN C 62 18.47 8.79 -14.12
N MET C 63 17.45 8.35 -13.39
CA MET C 63 17.24 6.94 -13.09
C MET C 63 15.81 6.57 -13.45
N ARG C 64 15.55 5.26 -13.47
CA ARG C 64 14.23 4.74 -13.83
C ARG C 64 13.77 3.73 -12.80
N THR C 65 12.46 3.71 -12.54
CA THR C 65 11.89 2.71 -11.66
C THR C 65 11.97 1.35 -12.32
N ARG C 66 12.42 0.34 -11.57
CA ARG C 66 12.60 -0.98 -12.14
C ARG C 66 11.98 -2.10 -11.32
N ARG C 67 11.82 -1.95 -10.01
CA ARG C 67 11.07 -2.91 -9.21
C ARG C 67 10.12 -2.14 -8.31
N THR C 68 8.83 -2.21 -8.62
CA THR C 68 7.81 -1.50 -7.87
C THR C 68 7.18 -2.46 -6.87
N LEU C 69 7.36 -2.20 -5.60
CA LEU C 69 6.74 -2.98 -4.55
C LEU C 69 5.33 -2.46 -4.27
N ARG C 70 4.39 -3.38 -4.12
CA ARG C 70 3.02 -3.00 -3.86
C ARG C 70 2.40 -3.99 -2.89
N GLY C 71 1.32 -3.55 -2.26
CA GLY C 71 0.68 -4.30 -1.20
C GLY C 71 0.25 -3.45 -0.02
N HIS C 72 0.84 -2.28 0.15
CA HIS C 72 0.40 -1.34 1.16
C HIS C 72 -0.91 -0.70 0.71
N LEU C 73 -1.77 -0.40 1.67
CA LEU C 73 -3.08 0.17 1.37
C LEU C 73 -3.26 1.59 1.90
N ALA C 74 -2.20 2.24 2.36
CA ALA C 74 -2.32 3.56 2.94
C ALA C 74 -0.98 4.28 2.81
N LYS C 75 -0.85 5.41 3.51
CA LYS C 75 0.32 6.27 3.38
C LYS C 75 1.53 5.59 3.98
N ILE C 76 2.64 5.58 3.23
CA ILE C 76 3.90 5.05 3.74
C ILE C 76 4.67 6.19 4.40
N TYR C 77 5.35 5.89 5.51
CA TYR C 77 6.08 6.91 6.24
C TYR C 77 7.58 6.67 6.31
N ALA C 78 8.03 5.43 6.51
CA ALA C 78 9.46 5.22 6.71
C ALA C 78 9.88 3.88 6.10
N MET C 79 11.17 3.80 5.79
CA MET C 79 11.78 2.60 5.24
C MET C 79 13.23 2.54 5.69
N HIS C 80 13.81 1.35 5.61
CA HIS C 80 15.21 1.18 5.96
C HIS C 80 15.73 -0.09 5.34
N TRP C 81 16.79 0.02 4.54
CA TRP C 81 17.45 -1.16 4.01
C TRP C 81 18.17 -1.91 5.12
N GLY C 82 18.21 -3.23 4.98
CA GLY C 82 19.02 -4.05 5.86
C GLY C 82 20.48 -3.97 5.47
N THR C 83 21.31 -4.66 6.26
CA THR C 83 22.73 -4.72 5.96
C THR C 83 23.07 -5.79 4.93
N ASP C 84 22.11 -6.66 4.60
CA ASP C 84 22.30 -7.59 3.49
C ASP C 84 22.17 -6.92 2.14
N SER C 85 21.75 -5.66 2.09
CA SER C 85 21.45 -4.94 0.85
C SER C 85 20.40 -5.69 0.04
N ARG C 86 19.59 -6.49 0.72
CA ARG C 86 18.59 -7.33 0.07
C ARG C 86 17.23 -7.29 0.74
N LEU C 87 17.14 -6.89 2.01
CA LEU C 87 15.88 -6.88 2.75
C LEU C 87 15.58 -5.45 3.17
N LEU C 88 14.37 -4.98 2.91
CA LEU C 88 13.94 -3.67 3.35
C LEU C 88 12.58 -3.79 4.03
N VAL C 89 12.39 -2.99 5.07
CA VAL C 89 11.17 -2.99 5.85
C VAL C 89 10.52 -1.61 5.72
N SER C 90 9.21 -1.58 5.58
CA SER C 90 8.48 -0.34 5.43
C SER C 90 7.23 -0.38 6.32
N ALA C 91 6.86 0.79 6.82
CA ALA C 91 5.70 0.94 7.69
C ALA C 91 4.72 1.94 7.07
N SER C 92 3.44 1.59 7.10
CA SER C 92 2.39 2.43 6.58
C SER C 92 1.34 2.66 7.68
N GLN C 93 0.30 3.39 7.33
CA GLN C 93 -0.79 3.66 8.27
C GLN C 93 -1.83 2.55 8.31
N ASP C 94 -1.72 1.55 7.44
CA ASP C 94 -2.61 0.39 7.52
C ASP C 94 -2.31 -0.46 8.74
N GLY C 95 -1.19 -0.22 9.43
CA GLY C 95 -0.83 -1.01 10.58
C GLY C 95 0.01 -2.22 10.26
N LYS C 96 0.61 -2.27 9.08
CA LYS C 96 1.34 -3.45 8.63
C LYS C 96 2.82 -3.11 8.45
N LEU C 97 3.67 -4.04 8.88
CA LEU C 97 5.11 -3.94 8.71
C LEU C 97 5.54 -5.06 7.78
N ILE C 98 5.88 -4.71 6.55
CA ILE C 98 6.15 -5.68 5.50
C ILE C 98 7.65 -5.74 5.26
N ILE C 99 8.21 -6.95 5.27
CA ILE C 99 9.61 -7.18 4.96
C ILE C 99 9.66 -7.75 3.55
N TRP C 100 10.22 -6.99 2.61
CA TRP C 100 10.23 -7.36 1.21
C TRP C 100 11.56 -8.01 0.84
N ASP C 101 11.48 -9.01 -0.02
CA ASP C 101 12.64 -9.46 -0.79
C ASP C 101 12.71 -8.56 -2.02
N SER C 102 13.69 -7.66 -2.03
CA SER C 102 13.72 -6.61 -3.03
C SER C 102 13.87 -7.17 -4.44
N TYR C 103 14.63 -8.26 -4.59
CA TYR C 103 14.92 -8.77 -5.93
C TYR C 103 13.68 -9.35 -6.60
N THR C 104 12.95 -10.21 -5.89
CA THR C 104 11.80 -10.87 -6.49
C THR C 104 10.48 -10.19 -6.16
N THR C 105 10.51 -9.06 -5.44
CA THR C 105 9.31 -8.30 -5.08
C THR C 105 8.25 -9.16 -4.42
N ASN C 106 8.68 -10.22 -3.73
CA ASN C 106 7.78 -11.03 -2.92
C ASN C 106 8.03 -10.73 -1.46
N LYS C 107 6.99 -10.90 -0.65
CA LYS C 107 7.03 -10.51 0.74
C LYS C 107 7.53 -11.68 1.59
N VAL C 108 8.29 -11.37 2.64
CA VAL C 108 8.88 -12.40 3.47
C VAL C 108 8.06 -12.55 4.75
N HIS C 109 7.92 -11.47 5.52
CA HIS C 109 7.04 -11.44 6.67
C HIS C 109 6.08 -10.26 6.56
N ALA C 110 4.98 -10.36 7.28
CA ALA C 110 4.05 -9.25 7.44
C ALA C 110 3.70 -9.16 8.91
N ILE C 111 3.91 -8.00 9.51
CA ILE C 111 3.85 -7.85 10.96
C ILE C 111 2.63 -7.00 11.31
N PRO C 112 1.67 -7.51 12.08
CA PRO C 112 0.61 -6.64 12.60
C PRO C 112 1.10 -5.82 13.78
N LEU C 113 0.75 -4.55 13.77
CA LEU C 113 1.18 -3.63 14.81
C LEU C 113 0.03 -3.32 15.76
N ARG C 114 0.38 -3.11 17.03
CA ARG C 114 -0.63 -2.73 18.02
C ARG C 114 -1.23 -1.37 17.69
N SER C 115 -0.39 -0.42 17.29
CA SER C 115 -0.82 0.93 16.96
C SER C 115 -0.63 1.17 15.47
N SER C 116 -1.66 1.69 14.82
CA SER C 116 -1.62 1.93 13.38
C SER C 116 -0.98 3.26 13.02
N TRP C 117 -0.49 4.02 13.99
CA TRP C 117 0.17 5.29 13.73
C TRP C 117 1.67 5.10 13.90
N VAL C 118 2.40 5.12 12.79
CA VAL C 118 3.83 4.82 12.79
C VAL C 118 4.57 5.95 12.09
N MET C 119 5.66 6.39 12.68
CA MET C 119 6.55 7.38 12.07
C MET C 119 7.83 6.78 11.53
N THR C 120 8.46 5.85 12.24
CA THR C 120 9.77 5.36 11.85
C THR C 120 9.85 3.85 12.00
N CYS C 121 10.77 3.25 11.26
CA CYS C 121 11.10 1.85 11.37
C CYS C 121 12.60 1.67 11.19
N ALA C 122 13.12 0.55 11.69
CA ALA C 122 14.55 0.30 11.66
C ALA C 122 14.81 -1.18 11.42
N TYR C 123 16.06 -1.50 11.09
CA TYR C 123 16.46 -2.86 10.78
C TYR C 123 17.81 -3.13 11.42
N ALA C 124 17.93 -4.25 12.11
CA ALA C 124 19.15 -4.56 12.83
C ALA C 124 20.29 -4.85 11.86
N PRO C 125 21.53 -4.56 12.26
CA PRO C 125 22.68 -4.92 11.41
C PRO C 125 22.79 -6.42 11.16
N SER C 126 22.37 -7.24 12.11
CA SER C 126 22.37 -8.68 11.94
C SER C 126 21.10 -9.18 11.26
N GLY C 127 20.18 -8.29 10.91
CA GLY C 127 19.00 -8.68 10.18
C GLY C 127 18.06 -9.61 10.93
N ASN C 128 18.12 -9.62 12.25
CA ASN C 128 17.30 -10.49 13.06
C ASN C 128 16.27 -9.77 13.90
N TYR C 129 16.21 -8.44 13.83
CA TYR C 129 15.32 -7.67 14.68
C TYR C 129 14.80 -6.46 13.93
N VAL C 130 13.61 -6.01 14.30
CA VAL C 130 12.92 -4.92 13.63
C VAL C 130 12.30 -4.01 14.68
N ALA C 131 12.40 -2.70 14.47
CA ALA C 131 11.89 -1.71 15.41
C ALA C 131 10.84 -0.84 14.75
N CYS C 132 9.78 -0.54 15.50
CA CYS C 132 8.67 0.27 15.01
C CYS C 132 8.29 1.30 16.07
N GLY C 133 7.74 2.42 15.64
CA GLY C 133 7.32 3.46 16.55
C GLY C 133 6.52 4.57 15.90
N GLY C 134 5.67 5.24 16.67
CA GLY C 134 4.83 6.29 16.15
C GLY C 134 4.21 7.12 17.25
N LEU C 135 3.01 7.64 17.01
CA LEU C 135 2.33 8.48 17.99
C LEU C 135 2.02 7.74 19.28
N ASP C 136 2.01 6.40 19.27
CA ASP C 136 1.83 5.63 20.49
C ASP C 136 2.99 5.81 21.46
N ASN C 137 3.99 6.60 21.08
CA ASN C 137 5.21 6.89 21.82
C ASN C 137 5.71 5.70 22.62
N ILE C 138 5.74 4.54 21.97
CA ILE C 138 6.35 3.33 22.50
C ILE C 138 7.17 2.71 21.37
N CYS C 139 8.39 2.31 21.68
CA CYS C 139 9.24 1.63 20.72
C CYS C 139 9.16 0.13 20.96
N SER C 140 8.92 -0.63 19.90
CA SER C 140 8.73 -2.07 19.99
C SER C 140 9.73 -2.78 19.10
N ILE C 141 10.39 -3.80 19.66
CA ILE C 141 11.34 -4.62 18.93
C ILE C 141 10.67 -5.92 18.54
N TYR C 142 10.77 -6.29 17.27
CA TYR C 142 10.19 -7.52 16.76
C TYR C 142 11.30 -8.48 16.35
N ASN C 143 11.09 -9.76 16.60
CA ASN C 143 12.10 -10.78 16.37
C ASN C 143 11.71 -11.63 15.18
N LEU C 144 12.64 -11.83 14.24
CA LEU C 144 12.37 -12.55 13.01
C LEU C 144 12.86 -13.99 13.05
N LYS C 145 14.15 -14.20 13.30
CA LYS C 145 14.75 -15.52 13.21
C LYS C 145 14.46 -16.27 14.51
N THR C 146 13.45 -17.13 14.48
CA THR C 146 13.02 -17.87 15.64
C THR C 146 12.91 -19.35 15.30
N ARG C 147 13.02 -20.18 16.34
CA ARG C 147 12.77 -21.61 16.17
C ARG C 147 11.33 -21.85 15.71
N GLU C 148 10.38 -21.12 16.30
CA GLU C 148 9.03 -21.11 15.76
C GLU C 148 9.00 -20.30 14.47
N GLY C 149 7.95 -20.51 13.68
CA GLY C 149 7.89 -19.89 12.37
C GLY C 149 7.54 -18.42 12.38
N ASN C 150 6.66 -18.00 13.29
CA ASN C 150 6.07 -16.68 13.22
C ASN C 150 6.97 -15.64 13.88
N VAL C 151 6.43 -14.42 14.01
CA VAL C 151 7.15 -13.29 14.59
C VAL C 151 6.44 -12.86 15.87
N ARG C 152 7.20 -12.71 16.94
CA ARG C 152 6.68 -12.27 18.22
C ARG C 152 7.37 -10.98 18.63
N VAL C 153 6.75 -10.27 19.57
CA VAL C 153 7.32 -9.04 20.09
C VAL C 153 8.28 -9.38 21.22
N SER C 154 9.49 -8.83 21.16
CA SER C 154 10.53 -9.20 22.12
C SER C 154 10.55 -8.26 23.32
N ARG C 155 10.81 -6.97 23.09
CA ARG C 155 10.81 -5.98 24.16
C ARG C 155 10.10 -4.73 23.70
N GLU C 156 9.33 -4.13 24.60
CA GLU C 156 8.68 -2.85 24.35
C GLU C 156 9.37 -1.79 25.18
N LEU C 157 9.64 -0.63 24.57
CA LEU C 157 10.38 0.44 25.20
C LEU C 157 9.43 1.55 25.60
N ALA C 158 9.16 1.65 26.90
CA ALA C 158 8.38 2.73 27.46
C ALA C 158 9.30 3.73 28.16
N GLY C 159 8.88 4.99 28.19
CA GLY C 159 9.64 6.00 28.91
C GLY C 159 9.65 7.38 28.29
N HIS C 160 9.19 7.50 27.06
CA HIS C 160 9.09 8.80 26.41
C HIS C 160 7.71 9.41 26.65
N THR C 161 7.65 10.74 26.64
CA THR C 161 6.40 11.44 26.80
C THR C 161 5.81 11.94 25.48
N GLY C 162 6.64 12.12 24.46
CA GLY C 162 6.18 12.53 23.15
C GLY C 162 6.39 11.45 22.10
N TYR C 163 5.77 11.68 20.95
CA TYR C 163 5.79 10.70 19.88
C TYR C 163 7.21 10.46 19.36
N LEU C 164 7.50 9.20 19.03
CA LEU C 164 8.80 8.85 18.49
C LEU C 164 8.87 9.19 17.02
N SER C 165 9.97 9.83 16.62
CA SER C 165 10.19 10.22 15.24
C SER C 165 11.22 9.37 14.50
N CYS C 166 12.26 8.90 15.19
CA CYS C 166 13.29 8.13 14.52
C CYS C 166 13.91 7.13 15.49
N CYS C 167 14.10 5.90 15.01
CA CYS C 167 14.75 4.83 15.76
C CYS C 167 15.87 4.24 14.92
N ARG C 168 17.01 3.96 15.56
CA ARG C 168 18.14 3.33 14.90
C ARG C 168 18.80 2.39 15.90
N PHE C 169 19.47 1.36 15.37
CA PHE C 169 20.19 0.40 16.19
C PHE C 169 21.69 0.65 16.14
N LEU C 170 22.33 0.55 17.29
CA LEU C 170 23.78 0.49 17.37
C LEU C 170 24.26 -0.93 17.06
N ASP C 171 23.78 -1.90 17.84
CA ASP C 171 24.02 -3.30 17.58
C ASP C 171 22.78 -4.06 18.08
N ASP C 172 22.93 -5.36 18.28
CA ASP C 172 21.83 -6.20 18.72
C ASP C 172 21.32 -5.83 20.10
N ASN C 173 22.08 -5.07 20.90
CA ASN C 173 21.72 -4.79 22.28
C ASN C 173 21.33 -3.36 22.55
N GLN C 174 21.57 -2.43 21.61
CA GLN C 174 21.36 -1.02 21.88
C GLN C 174 20.53 -0.38 20.76
N ILE C 175 19.75 0.64 21.15
CA ILE C 175 18.88 1.37 20.24
C ILE C 175 18.82 2.81 20.69
N VAL C 176 18.78 3.74 19.73
CA VAL C 176 18.63 5.15 20.01
C VAL C 176 17.28 5.62 19.46
N THR C 177 16.55 6.38 20.27
CA THR C 177 15.24 6.88 19.88
C THR C 177 15.21 8.39 20.05
N SER C 178 14.33 9.03 19.28
CA SER C 178 14.10 10.47 19.39
C SER C 178 12.60 10.71 19.44
N SER C 179 12.17 11.58 20.34
CA SER C 179 10.76 11.78 20.62
C SER C 179 10.42 13.26 20.62
N GLY C 180 9.12 13.54 20.54
CA GLY C 180 8.62 14.90 20.63
C GLY C 180 8.82 15.56 21.97
N ASP C 181 9.19 14.79 23.00
CA ASP C 181 9.57 15.36 24.28
C ASP C 181 10.81 16.23 24.19
N THR C 182 11.47 16.25 23.02
CA THR C 182 12.68 17.00 22.77
C THR C 182 13.86 16.36 23.52
N THR C 183 13.79 15.06 23.73
CA THR C 183 14.85 14.29 24.36
C THR C 183 15.13 13.04 23.53
N CYS C 184 16.40 12.68 23.42
CA CYS C 184 16.82 11.45 22.78
C CYS C 184 17.36 10.50 23.84
N ALA C 185 17.17 9.20 23.62
CA ALA C 185 17.51 8.21 24.62
C ALA C 185 18.23 7.03 23.97
N LEU C 186 18.94 6.27 24.80
CA LEU C 186 19.65 5.07 24.37
C LEU C 186 19.29 3.95 25.34
N TRP C 187 19.00 2.77 24.80
CA TRP C 187 18.41 1.69 25.58
C TRP C 187 19.23 0.42 25.46
N ASP C 188 19.27 -0.35 26.55
CA ASP C 188 19.79 -1.71 26.55
C ASP C 188 18.61 -2.65 26.41
N ILE C 189 18.59 -3.44 25.34
CA ILE C 189 17.39 -4.20 24.98
C ILE C 189 17.11 -5.27 26.03
N GLU C 190 18.15 -5.98 26.48
CA GLU C 190 17.94 -7.11 27.39
C GLU C 190 17.29 -6.65 28.70
N THR C 191 17.76 -5.54 29.26
CA THR C 191 17.19 -5.04 30.51
C THR C 191 16.02 -4.11 30.28
N GLY C 192 15.91 -3.52 29.09
CA GLY C 192 14.75 -2.70 28.76
C GLY C 192 14.61 -1.43 29.56
N GLN C 193 15.72 -0.79 29.90
CA GLN C 193 15.69 0.49 30.59
C GLN C 193 16.69 1.42 29.93
N GLN C 194 16.40 2.72 29.99
CA GLN C 194 17.29 3.70 29.37
C GLN C 194 18.62 3.72 30.09
N THR C 195 19.65 4.17 29.37
CA THR C 195 20.96 4.37 29.97
C THR C 195 21.49 5.79 29.78
N THR C 196 20.86 6.60 28.94
CA THR C 196 21.36 7.95 28.69
C THR C 196 20.24 8.78 28.07
N THR C 197 20.06 9.99 28.59
CA THR C 197 19.13 10.96 28.02
C THR C 197 19.93 12.12 27.43
N PHE C 198 19.47 12.62 26.29
CA PHE C 198 20.10 13.74 25.59
C PHE C 198 19.10 14.88 25.58
N THR C 199 19.28 15.88 26.47
CA THR C 199 18.24 16.92 26.62
C THR C 199 18.55 18.39 26.37
N GLY C 200 19.79 18.72 26.01
CA GLY C 200 20.14 20.10 25.70
C GLY C 200 19.31 20.79 24.63
N HIS C 201 18.56 20.03 23.85
CA HIS C 201 17.75 20.61 22.77
C HIS C 201 16.54 21.43 23.25
N THR C 202 15.98 22.26 22.36
CA THR C 202 14.85 23.12 22.72
C THR C 202 13.71 23.14 21.70
N GLY C 203 13.71 22.26 20.71
CA GLY C 203 12.64 22.28 19.73
C GLY C 203 11.75 21.05 19.75
N ASP C 204 11.86 20.23 18.72
CA ASP C 204 11.09 18.99 18.60
C ASP C 204 11.84 18.08 17.64
N VAL C 205 12.54 17.08 18.19
CA VAL C 205 13.51 16.31 17.41
C VAL C 205 12.78 15.47 16.36
N MET C 206 13.36 15.40 15.16
CA MET C 206 12.73 14.75 14.02
C MET C 206 13.50 13.57 13.44
N SER C 207 14.83 13.57 13.51
CA SER C 207 15.58 12.50 12.86
C SER C 207 16.92 12.29 13.54
N LEU C 208 17.37 11.04 13.52
CA LEU C 208 18.68 10.65 14.04
C LEU C 208 19.48 9.97 12.95
N SER C 209 20.80 10.11 13.03
CA SER C 209 21.72 9.41 12.14
C SER C 209 22.95 9.00 12.95
N LEU C 210 23.28 7.72 12.89
CA LEU C 210 24.43 7.22 13.64
C LEU C 210 25.72 7.42 12.86
N ALA C 211 26.82 7.54 13.60
CA ALA C 211 28.12 7.62 12.96
C ALA C 211 28.48 6.31 12.30
N PRO C 212 29.29 6.34 11.24
CA PRO C 212 29.74 5.08 10.64
C PRO C 212 30.48 4.18 11.60
N ASP C 213 31.15 4.75 12.61
CA ASP C 213 31.79 3.97 13.66
C ASP C 213 30.95 3.87 14.92
N THR C 214 29.75 4.44 14.93
CA THR C 214 28.80 4.36 16.04
C THR C 214 29.44 4.79 17.36
N ARG C 215 29.88 6.04 17.41
CA ARG C 215 30.37 6.65 18.63
C ARG C 215 29.74 7.98 18.94
N LEU C 216 28.82 8.46 18.10
CA LEU C 216 28.25 9.80 18.20
C LEU C 216 27.13 9.91 17.18
N PHE C 217 26.24 10.87 17.38
CA PHE C 217 25.09 11.02 16.49
C PHE C 217 24.60 12.45 16.51
N VAL C 218 23.74 12.78 15.54
CA VAL C 218 23.27 14.13 15.31
C VAL C 218 21.77 14.09 15.09
N SER C 219 21.10 15.20 15.44
CA SER C 219 19.64 15.24 15.39
C SER C 219 19.17 16.69 15.33
N GLY C 220 18.48 17.05 14.26
CA GLY C 220 17.85 18.36 14.18
C GLY C 220 16.48 18.37 14.82
N ALA C 221 15.84 19.53 14.78
CA ALA C 221 14.53 19.70 15.40
C ALA C 221 13.88 20.98 14.89
N CYS C 222 12.66 21.23 15.37
CA CYS C 222 11.92 22.42 14.99
C CYS C 222 12.58 23.70 15.46
N ASP C 223 13.51 23.60 16.40
CA ASP C 223 14.22 24.78 16.89
C ASP C 223 15.22 25.33 15.89
N ALA C 224 15.24 24.81 14.67
CA ALA C 224 16.11 25.29 13.59
C ALA C 224 17.58 25.17 13.94
N SER C 225 17.93 24.26 14.85
CA SER C 225 19.31 24.08 15.28
C SER C 225 19.64 22.59 15.30
N ALA C 226 20.82 22.25 14.81
CA ALA C 226 21.29 20.87 14.79
C ALA C 226 22.29 20.67 15.93
N LYS C 227 22.19 19.51 16.57
CA LYS C 227 23.05 19.18 17.70
C LYS C 227 23.69 17.82 17.47
N LEU C 228 24.95 17.71 17.86
CA LEU C 228 25.68 16.44 17.83
C LEU C 228 26.07 16.06 19.25
N TRP C 229 25.87 14.79 19.58
CA TRP C 229 26.03 14.30 20.95
C TRP C 229 27.12 13.22 20.98
N ASP C 230 27.26 12.60 22.15
CA ASP C 230 28.28 11.58 22.35
C ASP C 230 27.73 10.56 23.33
N VAL C 231 27.67 9.30 22.90
CA VAL C 231 26.92 8.29 23.65
C VAL C 231 27.57 7.97 24.99
N ARG C 232 28.91 7.95 25.02
CA ARG C 232 29.60 7.56 26.25
C ARG C 232 29.35 8.57 27.38
N GLU C 233 29.41 9.87 27.08
CA GLU C 233 29.22 10.89 28.10
C GLU C 233 27.80 11.42 28.17
N GLY C 234 26.99 11.21 27.14
CA GLY C 234 25.60 11.61 27.17
C GLY C 234 25.38 13.09 27.31
N MET C 235 26.07 13.89 26.52
CA MET C 235 25.99 15.33 26.65
C MET C 235 26.35 15.98 25.31
N CYS C 236 25.63 17.05 24.98
CA CYS C 236 25.81 17.72 23.71
C CYS C 236 27.17 18.39 23.63
N ARG C 237 27.73 18.44 22.43
CA ARG C 237 29.02 19.08 22.23
C ARG C 237 29.09 19.98 21.00
N GLN C 238 28.01 20.13 20.24
CA GLN C 238 28.04 21.01 19.09
C GLN C 238 26.63 21.48 18.78
N THR C 239 26.53 22.72 18.31
CA THR C 239 25.26 23.29 17.89
C THR C 239 25.48 24.17 16.67
N PHE C 240 24.41 24.36 15.90
CA PHE C 240 24.48 25.15 14.68
C PHE C 240 23.22 26.00 14.56
N THR C 241 23.37 27.16 13.91
CA THR C 241 22.27 28.12 13.75
C THR C 241 22.18 28.48 12.28
N GLY C 242 21.42 27.71 11.51
CA GLY C 242 21.38 27.94 10.09
C GLY C 242 20.04 27.79 9.39
N HIS C 243 18.93 27.97 10.09
CA HIS C 243 17.64 27.82 9.43
C HIS C 243 16.61 28.71 10.10
N GLU C 244 15.55 29.01 9.36
CA GLU C 244 14.48 29.89 9.82
C GLU C 244 13.20 29.15 10.16
N SER C 245 13.22 27.82 10.17
CA SER C 245 12.02 27.06 10.49
C SER C 245 12.44 25.66 10.95
N ASP C 246 11.48 24.74 11.00
CA ASP C 246 11.72 23.41 11.53
C ASP C 246 12.70 22.62 10.64
N ILE C 247 13.43 21.70 11.27
CA ILE C 247 14.38 20.82 10.61
C ILE C 247 13.79 19.42 10.58
N ASN C 248 13.80 18.78 9.41
CA ASN C 248 13.06 17.54 9.22
C ASN C 248 13.91 16.29 9.18
N ALA C 249 15.07 16.29 8.53
CA ALA C 249 15.83 15.06 8.43
C ALA C 249 17.32 15.36 8.41
N ILE C 250 18.10 14.38 8.88
CA ILE C 250 19.55 14.46 8.96
C ILE C 250 20.13 13.12 8.50
N CYS C 251 21.37 13.15 8.01
CA CYS C 251 22.09 11.92 7.70
C CYS C 251 23.58 12.23 7.67
N PHE C 252 24.38 11.28 8.15
CA PHE C 252 25.83 11.47 8.14
C PHE C 252 26.43 11.33 6.74
N PHE C 253 27.36 12.22 6.44
CA PHE C 253 28.25 12.05 5.32
C PHE C 253 29.05 10.76 5.52
N PRO C 254 29.23 9.94 4.50
CA PRO C 254 29.85 8.61 4.72
C PRO C 254 31.30 8.67 5.19
N ASN C 255 31.85 9.86 5.37
CA ASN C 255 33.18 10.03 5.93
C ASN C 255 33.16 10.26 7.44
N GLY C 256 31.98 10.34 8.05
CA GLY C 256 31.90 10.54 9.48
C GLY C 256 32.39 11.88 9.97
N ASN C 257 32.48 12.87 9.09
CA ASN C 257 32.97 14.19 9.48
C ASN C 257 32.07 15.30 8.95
N ALA C 258 30.80 14.99 8.71
CA ALA C 258 29.84 15.97 8.22
C ALA C 258 28.44 15.38 8.29
N PHE C 259 27.44 16.24 8.06
CA PHE C 259 26.06 15.81 7.95
C PHE C 259 25.29 16.88 7.21
N ALA C 260 24.06 16.54 6.82
CA ALA C 260 23.23 17.42 6.01
C ALA C 260 21.88 17.62 6.69
N THR C 261 21.29 18.79 6.48
CA THR C 261 20.05 19.19 7.13
C THR C 261 19.01 19.56 6.08
N GLY C 262 17.81 19.01 6.20
CA GLY C 262 16.71 19.39 5.34
C GLY C 262 15.57 19.99 6.15
N SER C 263 15.11 21.17 5.76
CA SER C 263 14.17 21.93 6.56
C SER C 263 12.85 22.10 5.81
N ASP C 264 11.89 22.74 6.47
CA ASP C 264 10.64 23.09 5.82
C ASP C 264 10.79 24.21 4.81
N ASP C 265 11.91 24.93 4.84
CA ASP C 265 12.11 26.07 3.94
C ASP C 265 12.83 25.70 2.66
N ALA C 266 12.36 24.63 2.00
CA ALA C 266 12.73 24.32 0.62
C ALA C 266 14.24 24.27 0.38
N THR C 267 15.05 24.19 1.43
CA THR C 267 16.49 24.30 1.29
C THR C 267 17.18 23.21 2.09
N CYS C 268 18.40 22.90 1.66
CA CYS C 268 19.28 22.02 2.41
C CYS C 268 20.61 22.74 2.63
N ARG C 269 21.27 22.41 3.74
CA ARG C 269 22.59 22.95 4.02
C ARG C 269 23.45 21.89 4.67
N LEU C 270 24.73 21.85 4.28
CA LEU C 270 25.68 20.89 4.80
C LEU C 270 26.49 21.50 5.94
N PHE C 271 26.89 20.65 6.87
CA PHE C 271 27.61 21.08 8.06
C PHE C 271 28.86 20.23 8.24
N ASP C 272 30.00 20.88 8.46
CA ASP C 272 31.25 20.20 8.74
C ASP C 272 31.56 20.32 10.22
N LEU C 273 31.85 19.19 10.86
CA LEU C 273 31.98 19.18 12.31
C LEU C 273 33.27 19.83 12.78
N ARG C 274 34.38 19.53 12.11
CA ARG C 274 35.66 20.10 12.52
C ARG C 274 35.77 21.59 12.23
N ALA C 275 34.81 22.16 11.49
CA ALA C 275 34.77 23.59 11.24
C ALA C 275 33.57 24.28 11.87
N ASP C 276 32.48 23.55 12.14
CA ASP C 276 31.30 24.09 12.83
C ASP C 276 30.69 25.27 12.10
N GLN C 277 30.63 25.17 10.77
CA GLN C 277 29.98 26.19 9.95
C GLN C 277 29.23 25.52 8.81
N GLU C 278 28.30 26.26 8.22
CA GLU C 278 27.55 25.77 7.06
C GLU C 278 28.50 25.71 5.87
N LEU C 279 28.92 24.49 5.51
CA LEU C 279 29.86 24.33 4.41
C LEU C 279 29.24 24.75 3.07
N MET C 280 27.98 24.41 2.86
CA MET C 280 27.35 24.68 1.57
C MET C 280 25.85 24.74 1.74
N THR C 281 25.18 25.28 0.72
CA THR C 281 23.73 25.32 0.63
C THR C 281 23.31 24.86 -0.75
N TYR C 282 22.02 24.55 -0.89
CA TYR C 282 21.47 24.13 -2.17
C TYR C 282 20.01 24.54 -2.22
N SER C 283 19.65 25.39 -3.18
CA SER C 283 18.31 25.92 -3.27
C SER C 283 17.96 26.18 -4.73
N HIS C 284 16.84 26.89 -4.93
CA HIS C 284 16.31 27.19 -6.25
C HIS C 284 15.11 28.11 -6.06
N ASP C 285 14.59 28.68 -7.15
CA ASP C 285 13.41 29.53 -7.02
C ASP C 285 12.11 28.74 -7.18
N ASN C 286 12.10 27.74 -8.06
CA ASN C 286 10.88 26.99 -8.30
C ASN C 286 10.46 26.18 -7.08
N ILE C 287 11.42 25.66 -6.32
CA ILE C 287 11.09 24.84 -5.16
C ILE C 287 10.56 25.73 -4.05
N ILE C 288 9.37 25.41 -3.55
CA ILE C 288 8.79 26.18 -2.45
C ILE C 288 8.30 25.23 -1.37
N CYS C 289 8.19 23.95 -1.69
CA CYS C 289 7.78 22.95 -0.73
C CYS C 289 8.97 22.53 0.14
N GLY C 290 8.66 21.87 1.25
CA GLY C 290 9.70 21.49 2.20
C GLY C 290 10.42 20.21 1.80
N ILE C 291 11.25 19.74 2.73
CA ILE C 291 12.03 18.51 2.55
C ILE C 291 11.58 17.50 3.60
N THR C 292 11.36 16.25 3.17
CA THR C 292 10.90 15.20 4.07
C THR C 292 12.01 14.24 4.50
N SER C 293 12.90 13.85 3.60
CA SER C 293 13.96 12.92 3.97
C SER C 293 15.20 13.17 3.11
N VAL C 294 16.34 12.72 3.62
CA VAL C 294 17.65 13.02 3.05
C VAL C 294 18.55 11.81 3.24
N SER C 295 19.34 11.48 2.22
CA SER C 295 20.34 10.42 2.37
C SER C 295 21.46 10.63 1.36
N PHE C 296 22.62 10.06 1.67
CA PHE C 296 23.81 10.12 0.83
C PHE C 296 24.03 8.80 0.13
N SER C 297 24.95 8.80 -0.83
CA SER C 297 25.39 7.59 -1.50
C SER C 297 26.74 7.15 -0.92
N LYS C 298 27.29 6.07 -1.48
CA LYS C 298 28.55 5.56 -0.96
C LYS C 298 29.68 6.55 -1.18
N SER C 299 29.77 7.13 -2.37
CA SER C 299 30.84 8.08 -2.67
C SER C 299 30.66 9.42 -1.98
N GLY C 300 29.49 9.68 -1.41
CA GLY C 300 29.22 10.96 -0.80
C GLY C 300 29.00 12.09 -1.77
N ARG C 301 28.99 11.82 -3.07
CA ARG C 301 28.79 12.88 -4.06
C ARG C 301 27.34 13.32 -4.14
N LEU C 302 26.39 12.42 -3.95
CA LEU C 302 24.98 12.70 -4.18
C LEU C 302 24.23 12.84 -2.86
N LEU C 303 23.59 13.99 -2.68
CA LEU C 303 22.78 14.28 -1.50
C LEU C 303 21.32 14.11 -1.89
N LEU C 304 20.86 12.86 -1.84
CA LEU C 304 19.51 12.53 -2.28
C LEU C 304 18.50 12.97 -1.25
N ALA C 305 17.46 13.67 -1.71
CA ALA C 305 16.45 14.19 -0.80
C ALA C 305 15.09 14.19 -1.48
N GLY C 306 14.06 13.84 -0.72
CA GLY C 306 12.71 13.83 -1.23
C GLY C 306 11.89 14.98 -0.70
N TYR C 307 11.35 15.81 -1.59
CA TYR C 307 10.66 17.02 -1.18
C TYR C 307 9.17 16.74 -1.10
N ASP C 308 8.37 17.78 -0.86
CA ASP C 308 6.93 17.64 -0.68
C ASP C 308 6.13 17.96 -1.94
N ASP C 309 6.78 18.40 -3.01
CA ASP C 309 6.09 18.76 -4.25
C ASP C 309 5.95 17.59 -5.21
N PHE C 310 5.91 16.37 -4.68
CA PHE C 310 5.69 15.11 -5.39
C PHE C 310 6.92 14.64 -6.16
N ASN C 311 8.07 15.26 -5.96
CA ASN C 311 9.30 14.87 -6.64
C ASN C 311 10.43 14.72 -5.64
N CYS C 312 11.35 13.83 -5.96
CA CYS C 312 12.55 13.60 -5.15
C CYS C 312 13.75 14.14 -5.91
N ASN C 313 14.37 15.19 -5.41
CA ASN C 313 15.48 15.79 -6.13
C ASN C 313 16.78 15.07 -5.83
N VAL C 314 17.72 15.19 -6.76
CA VAL C 314 19.07 14.65 -6.61
C VAL C 314 20.03 15.82 -6.73
N TRP C 315 20.85 16.02 -5.69
CA TRP C 315 21.74 17.17 -5.62
C TRP C 315 23.15 16.72 -5.26
N ASP C 316 24.14 17.42 -5.81
CA ASP C 316 25.55 17.17 -5.52
C ASP C 316 26.01 18.21 -4.51
N ALA C 317 26.38 17.75 -3.31
CA ALA C 317 26.70 18.64 -2.19
C ALA C 317 28.00 19.37 -2.37
N LEU C 318 28.69 19.25 -3.50
CA LEU C 318 29.88 20.03 -3.78
C LEU C 318 29.69 20.95 -4.98
N LYS C 319 29.19 20.42 -6.09
CA LYS C 319 28.92 21.25 -7.27
C LYS C 319 27.83 22.28 -6.99
N ALA C 320 26.95 22.01 -6.02
CA ALA C 320 25.92 22.95 -5.59
C ALA C 320 24.99 23.32 -6.75
N ASP C 321 24.51 22.28 -7.43
CA ASP C 321 23.51 22.45 -8.48
C ASP C 321 22.71 21.17 -8.59
N ARG C 322 21.53 21.14 -7.99
CA ARG C 322 20.68 19.97 -8.09
C ARG C 322 20.35 19.68 -9.55
N ALA C 323 20.48 18.40 -9.93
CA ALA C 323 20.36 18.04 -11.34
C ALA C 323 19.34 16.93 -11.57
N GLY C 324 19.26 15.98 -10.65
CA GLY C 324 18.46 14.79 -10.88
C GLY C 324 17.03 14.89 -10.40
N VAL C 325 16.08 14.77 -11.32
CA VAL C 325 14.66 14.88 -11.00
C VAL C 325 14.10 13.46 -10.98
N LEU C 326 14.06 12.87 -9.80
CA LEU C 326 13.44 11.56 -9.61
C LEU C 326 11.95 11.78 -9.45
N ALA C 327 11.18 11.49 -10.50
CA ALA C 327 9.84 12.02 -10.66
C ALA C 327 8.84 10.93 -11.03
N GLY C 328 8.84 9.83 -10.29
CA GLY C 328 7.94 8.74 -10.62
C GLY C 328 6.66 8.69 -9.81
N HIS C 329 6.63 9.36 -8.66
CA HIS C 329 5.58 9.14 -7.68
C HIS C 329 4.35 10.00 -7.96
N ASP C 330 3.24 9.64 -7.33
CA ASP C 330 1.98 10.34 -7.50
C ASP C 330 1.58 11.17 -6.29
N ASN C 331 2.25 10.99 -5.15
CA ASN C 331 1.96 11.76 -3.95
C ASN C 331 3.29 12.20 -3.34
N ARG C 332 3.23 12.79 -2.15
CA ARG C 332 4.43 13.34 -1.53
C ARG C 332 5.38 12.22 -1.12
N VAL C 333 6.67 12.46 -1.36
CA VAL C 333 7.71 11.51 -0.99
C VAL C 333 7.97 11.64 0.51
N SER C 334 7.98 10.51 1.20
CA SER C 334 8.06 10.50 2.66
C SER C 334 9.39 9.97 3.19
N CYS C 335 9.97 8.95 2.57
CA CYS C 335 11.20 8.36 3.09
C CYS C 335 12.04 7.86 1.92
N LEU C 336 13.33 7.71 2.17
CA LEU C 336 14.23 7.18 1.17
C LEU C 336 15.49 6.64 1.83
N GLY C 337 15.98 5.49 1.34
CA GLY C 337 17.17 4.89 1.88
C GLY C 337 18.07 4.39 0.76
N VAL C 338 19.30 4.06 1.14
CA VAL C 338 20.34 3.66 0.20
C VAL C 338 20.92 2.34 0.68
N THR C 339 21.08 1.39 -0.24
CA THR C 339 21.62 0.08 0.11
C THR C 339 23.05 0.21 0.64
N ASP C 340 23.39 -0.67 1.59
CA ASP C 340 24.67 -0.56 2.26
C ASP C 340 25.84 -0.80 1.30
N ASP C 341 25.61 -1.51 0.20
CA ASP C 341 26.62 -1.61 -0.84
C ASP C 341 26.52 -0.48 -1.86
N GLY C 342 25.59 0.46 -1.66
CA GLY C 342 25.48 1.63 -2.50
C GLY C 342 25.19 1.30 -3.94
N MET C 343 24.22 0.40 -4.18
CA MET C 343 23.97 -0.12 -5.52
C MET C 343 22.52 0.06 -5.92
N ALA C 344 21.74 0.82 -5.15
CA ALA C 344 20.37 1.13 -5.48
C ALA C 344 19.93 2.33 -4.65
N VAL C 345 18.64 2.66 -4.72
CA VAL C 345 18.02 3.62 -3.82
C VAL C 345 16.51 3.37 -3.81
N ALA C 346 15.93 3.30 -2.63
CA ALA C 346 14.51 3.04 -2.47
C ALA C 346 13.84 4.23 -1.81
N THR C 347 12.70 4.65 -2.35
CA THR C 347 11.93 5.73 -1.75
C THR C 347 10.45 5.38 -1.75
N GLY C 348 9.85 5.42 -0.56
CA GLY C 348 8.42 5.24 -0.42
C GLY C 348 7.73 6.59 -0.29
N SER C 349 6.48 6.64 -0.75
CA SER C 349 5.72 7.88 -0.76
C SER C 349 4.31 7.62 -0.26
N TRP C 350 3.59 8.71 0.01
CA TRP C 350 2.20 8.63 0.44
C TRP C 350 1.30 7.94 -0.58
N ASP C 351 1.80 7.65 -1.79
CA ASP C 351 1.03 6.97 -2.81
C ASP C 351 0.74 5.51 -2.49
N SER C 352 1.29 5.00 -1.38
CA SER C 352 1.17 3.63 -0.90
C SER C 352 2.08 2.65 -1.64
N PHE C 353 3.00 3.15 -2.47
CA PHE C 353 3.91 2.31 -3.21
C PHE C 353 5.33 2.50 -2.72
N LEU C 354 6.17 1.49 -2.95
CA LEU C 354 7.60 1.57 -2.75
C LEU C 354 8.28 1.46 -4.10
N LYS C 355 9.07 2.47 -4.44
CA LYS C 355 9.78 2.51 -5.71
C LYS C 355 11.27 2.38 -5.44
N ILE C 356 11.91 1.43 -6.10
CA ILE C 356 13.34 1.19 -5.95
C ILE C 356 14.02 1.59 -7.25
N TRP C 357 14.96 2.51 -7.17
CA TRP C 357 15.69 2.98 -8.34
C TRP C 357 17.08 2.38 -8.35
N ASN C 358 17.59 2.10 -9.54
CA ASN C 358 18.94 1.57 -9.70
C ASN C 358 19.44 1.79 -11.12
N ILE D 5 16.09 30.40 36.59
CA ILE D 5 15.87 28.98 36.76
C ILE D 5 17.18 28.29 36.42
N ALA D 6 17.38 27.06 36.91
CA ALA D 6 18.61 26.32 36.63
C ALA D 6 18.77 26.01 35.14
N GLN D 7 17.69 26.15 34.35
CA GLN D 7 17.81 25.97 32.91
C GLN D 7 18.80 26.96 32.32
N ALA D 8 18.76 28.22 32.78
CA ALA D 8 19.72 29.20 32.30
C ALA D 8 21.14 28.83 32.70
N ARG D 9 21.33 28.28 33.90
CA ARG D 9 22.66 27.85 34.32
C ARG D 9 23.16 26.71 33.45
N LYS D 10 22.30 25.74 33.14
CA LYS D 10 22.71 24.65 32.26
C LYS D 10 23.05 25.16 30.86
N LEU D 11 22.25 26.09 30.34
CA LEU D 11 22.53 26.66 29.03
C LEU D 11 23.88 27.39 29.04
N VAL D 12 24.15 28.15 30.10
CA VAL D 12 25.41 28.88 30.19
C VAL D 12 26.59 27.93 30.27
N GLU D 13 26.46 26.87 31.05
CA GLU D 13 27.54 25.89 31.14
C GLU D 13 27.78 25.22 29.78
N GLN D 14 26.71 24.86 29.08
CA GLN D 14 26.88 24.24 27.76
C GLN D 14 27.54 25.21 26.78
N LEU D 15 27.16 26.48 26.84
CA LEU D 15 27.79 27.46 25.95
C LEU D 15 29.26 27.66 26.29
N LYS D 16 29.60 27.61 27.58
CA LYS D 16 31.01 27.70 27.96
C LYS D 16 31.80 26.52 27.40
N MET D 17 31.25 25.31 27.52
CA MET D 17 31.90 24.14 26.95
C MET D 17 32.04 24.27 25.44
N GLU D 18 31.00 24.77 24.77
CA GLU D 18 31.08 24.98 23.33
C GLU D 18 32.14 26.00 22.97
N ALA D 19 32.33 27.02 23.80
CA ALA D 19 33.40 27.98 23.58
C ALA D 19 34.76 27.33 23.77
N ASN D 20 34.86 26.35 24.68
CA ASN D 20 36.14 25.72 24.97
C ASN D 20 36.72 24.97 23.77
N ILE D 21 35.91 24.67 22.76
CA ILE D 21 36.42 23.91 21.60
C ILE D 21 37.49 24.72 20.87
N ASP D 22 38.30 24.01 20.09
CA ASP D 22 39.35 24.60 19.25
C ASP D 22 39.15 24.06 17.84
N ARG D 23 38.37 24.79 17.04
CA ARG D 23 38.01 24.33 15.71
C ARG D 23 39.20 24.46 14.75
N ILE D 24 38.98 24.15 13.48
CA ILE D 24 40.03 24.18 12.47
C ILE D 24 39.53 24.97 11.27
N LYS D 25 40.47 25.31 10.38
CA LYS D 25 40.13 26.07 9.19
C LYS D 25 39.44 25.20 8.16
N VAL D 26 38.48 25.78 7.44
CA VAL D 26 37.66 25.01 6.51
C VAL D 26 38.45 24.50 5.32
N SER D 27 39.64 25.04 5.07
CA SER D 27 40.44 24.57 3.94
C SER D 27 40.81 23.10 4.10
N LYS D 28 41.29 22.73 5.28
CA LYS D 28 41.67 21.34 5.52
C LYS D 28 40.46 20.42 5.42
N ALA D 29 39.31 20.83 5.97
CA ALA D 29 38.12 20.00 5.92
C ALA D 29 37.64 19.81 4.48
N ALA D 30 37.64 20.88 3.68
CA ALA D 30 37.23 20.76 2.29
C ALA D 30 38.19 19.87 1.52
N ALA D 31 39.49 19.99 1.77
CA ALA D 31 40.45 19.12 1.13
C ALA D 31 40.20 17.66 1.51
N ASP D 32 39.90 17.40 2.77
CA ASP D 32 39.61 16.04 3.21
C ASP D 32 38.38 15.49 2.54
N LEU D 33 37.31 16.29 2.43
CA LEU D 33 36.10 15.83 1.77
C LEU D 33 36.35 15.55 0.29
N MET D 34 37.11 16.43 -0.38
CA MET D 34 37.45 16.18 -1.77
C MET D 34 38.24 14.90 -1.95
N ALA D 35 39.21 14.66 -1.05
CA ALA D 35 39.98 13.43 -1.11
C ALA D 35 39.09 12.21 -0.91
N TYR D 36 38.15 12.29 0.03
CA TYR D 36 37.21 11.20 0.26
C TYR D 36 36.39 10.90 -1.00
N CYS D 37 35.83 11.96 -1.60
CA CYS D 37 35.00 11.76 -2.79
C CYS D 37 35.82 11.17 -3.93
N GLU D 38 37.03 11.68 -4.15
CA GLU D 38 37.86 11.15 -5.22
C GLU D 38 38.23 9.70 -4.98
N ALA D 39 38.54 9.34 -3.73
CA ALA D 39 38.97 7.98 -3.44
C ALA D 39 37.83 6.99 -3.59
N HIS D 40 36.66 7.31 -3.08
CA HIS D 40 35.57 6.34 -3.03
C HIS D 40 34.69 6.35 -4.27
N ALA D 41 35.11 7.02 -5.35
CA ALA D 41 34.27 7.15 -6.53
C ALA D 41 34.18 5.87 -7.36
N LYS D 42 35.08 4.91 -7.14
CA LYS D 42 35.10 3.73 -7.99
C LYS D 42 33.94 2.80 -7.70
N GLU D 43 33.56 2.67 -6.43
CA GLU D 43 32.55 1.71 -6.00
C GLU D 43 31.18 2.35 -5.83
N ASP D 44 30.83 3.31 -6.68
CA ASP D 44 29.55 4.00 -6.62
C ASP D 44 28.88 3.89 -7.97
N PRO D 45 28.12 2.81 -8.20
CA PRO D 45 27.45 2.65 -9.50
C PRO D 45 26.42 3.73 -9.80
N LEU D 46 25.94 4.45 -8.79
CA LEU D 46 25.04 5.56 -9.06
C LEU D 46 25.74 6.72 -9.74
N LEU D 47 27.08 6.69 -9.83
CA LEU D 47 27.85 7.57 -10.69
C LEU D 47 28.28 6.88 -11.98
N THR D 48 28.89 5.71 -11.88
CA THR D 48 29.33 4.94 -13.04
C THR D 48 28.58 3.62 -13.08
N PRO D 49 27.47 3.53 -13.82
CA PRO D 49 26.57 2.38 -13.90
C PRO D 49 27.28 1.06 -14.18
N GLU D 54 26.45 -7.78 -13.82
CA GLU D 54 26.80 -7.72 -12.40
C GLU D 54 25.68 -7.07 -11.60
N ASN D 55 24.81 -6.33 -12.29
CA ASN D 55 23.74 -5.63 -11.61
C ASN D 55 22.77 -6.64 -11.01
N PRO D 56 22.20 -6.34 -9.84
CA PRO D 56 21.33 -7.30 -9.14
C PRO D 56 19.83 -7.11 -9.39
N PHE D 57 19.43 -6.12 -10.19
CA PHE D 57 18.02 -5.88 -10.45
C PHE D 57 17.73 -5.90 -11.94
N ARG D 58 18.28 -6.87 -12.66
CA ARG D 58 18.09 -6.97 -14.10
C ARG D 58 16.63 -7.25 -14.45
N VAL E 39 10.12 -28.12 16.38
CA VAL E 39 10.57 -28.39 17.73
C VAL E 39 9.94 -29.68 18.26
N GLN E 40 8.81 -30.06 17.69
CA GLN E 40 8.13 -31.29 18.05
C GLN E 40 7.36 -31.80 16.84
N LEU E 41 7.82 -32.90 16.25
CA LEU E 41 7.10 -33.55 15.16
C LEU E 41 7.27 -35.06 15.33
N VAL E 42 6.33 -35.67 16.02
CA VAL E 42 6.32 -37.12 16.21
C VAL E 42 5.42 -37.74 15.14
N GLU E 43 5.95 -38.72 14.42
CA GLU E 43 5.22 -39.39 13.35
C GLU E 43 4.48 -40.59 13.93
N SER E 44 3.15 -40.58 13.80
CA SER E 44 2.34 -41.66 14.34
C SER E 44 1.75 -42.51 13.21
N GLN E 50 -0.42 -57.88 4.89
CA GLN E 50 -1.30 -58.15 3.77
C GLN E 50 -1.03 -57.20 2.62
N PRO E 51 -0.23 -57.66 1.65
CA PRO E 51 0.05 -56.83 0.48
C PRO E 51 -1.23 -56.40 -0.21
N GLY E 52 -1.17 -55.25 -0.86
CA GLY E 52 -2.35 -54.67 -1.48
C GLY E 52 -3.29 -53.99 -0.51
N GLY E 53 -3.00 -54.03 0.79
CA GLY E 53 -3.86 -53.42 1.79
C GLY E 53 -3.81 -51.91 1.77
N SER E 54 -4.25 -51.29 2.87
CA SER E 54 -4.30 -49.85 2.95
C SER E 54 -4.24 -49.42 4.41
N ARG E 55 -3.63 -48.27 4.65
CA ARG E 55 -3.51 -47.72 5.99
C ARG E 55 -3.17 -46.24 5.88
N LYS E 56 -3.20 -45.55 7.02
CA LYS E 56 -2.90 -44.13 7.07
C LYS E 56 -1.60 -43.88 7.83
N GLY E 63 4.24 -28.98 19.84
CA GLY E 63 4.54 -28.59 18.48
C GLY E 63 4.92 -27.13 18.34
N PHE E 64 4.59 -26.56 17.18
CA PHE E 64 4.91 -25.17 16.88
C PHE E 64 3.87 -24.67 15.86
N ALA E 65 4.16 -23.54 15.23
CA ALA E 65 3.27 -22.97 14.24
C ALA E 65 3.13 -23.89 13.04
N PHE E 66 1.92 -24.40 12.81
CA PHE E 66 1.68 -25.40 11.79
C PHE E 66 1.23 -24.81 10.46
N SER E 67 0.50 -23.68 10.48
CA SER E 67 -0.10 -23.15 9.27
C SER E 67 0.94 -22.74 8.24
N SER E 68 2.19 -22.62 8.66
CA SER E 68 3.28 -22.39 7.73
C SER E 68 4.52 -23.16 8.17
N GLY E 70 6.98 -25.54 3.44
CA GLY E 70 6.55 -26.88 3.10
C GLY E 70 6.65 -27.86 4.25
N MET E 71 6.21 -29.10 4.02
CA MET E 71 6.23 -30.12 5.05
C MET E 71 6.25 -31.47 4.33
N HIS E 72 7.42 -32.09 4.26
CA HIS E 72 7.64 -33.23 3.39
C HIS E 72 7.50 -34.56 4.14
N TRP E 73 7.49 -35.64 3.36
CA TRP E 73 7.66 -37.00 3.85
C TRP E 73 8.99 -37.53 3.34
N VAL E 74 9.60 -38.46 4.08
CA VAL E 74 10.87 -39.04 3.70
C VAL E 74 10.84 -40.55 3.91
N ARG E 75 11.71 -41.23 3.17
CA ARG E 75 11.91 -42.67 3.35
C ARG E 75 13.23 -42.91 4.07
N PRO E 78 15.37 -49.56 6.32
CA PRO E 78 15.29 -51.03 6.29
C PRO E 78 16.65 -51.66 6.05
N GLU E 79 17.63 -51.34 6.89
CA GLU E 79 19.00 -51.78 6.72
C GLU E 79 19.52 -51.40 5.33
N LYS E 80 19.12 -50.23 4.87
CA LYS E 80 19.43 -49.77 3.53
C LYS E 80 19.55 -48.25 3.56
N GLY E 81 19.52 -47.62 2.39
CA GLY E 81 19.62 -46.19 2.27
C GLY E 81 18.30 -45.49 2.57
N LEU E 82 18.32 -44.17 2.40
CA LEU E 82 17.18 -43.32 2.71
C LEU E 82 17.01 -42.28 1.61
N GLU E 83 15.76 -42.00 1.25
CA GLU E 83 15.47 -41.11 0.14
C GLU E 83 14.14 -40.42 0.36
N TRP E 84 13.83 -39.48 -0.54
CA TRP E 84 12.59 -38.72 -0.46
C TRP E 84 11.41 -39.53 -0.99
N VAL E 85 10.21 -39.20 -0.50
CA VAL E 85 9.00 -39.83 -1.01
C VAL E 85 8.03 -38.79 -1.55
N ALA E 86 7.52 -37.91 -0.67
CA ALA E 86 6.44 -37.01 -1.04
C ALA E 86 6.44 -35.83 -0.07
N TYR E 87 5.63 -34.82 -0.38
CA TYR E 87 5.72 -33.58 0.35
C TYR E 87 4.44 -32.77 0.16
N ILE E 88 4.49 -31.53 0.66
CA ILE E 88 3.42 -30.55 0.54
C ILE E 88 4.09 -29.24 0.10
N SER E 89 3.26 -28.28 -0.30
CA SER E 89 3.62 -26.87 -0.30
C SER E 89 2.64 -26.16 0.61
N SER E 90 3.16 -25.33 1.51
CA SER E 90 2.35 -24.75 2.57
C SER E 90 1.14 -24.03 1.98
N GLY E 91 0.01 -24.14 2.67
CA GLY E 91 -1.22 -23.57 2.18
C GLY E 91 -1.98 -24.44 1.19
N SER E 92 -1.53 -25.69 0.98
CA SER E 92 -2.19 -26.65 0.09
C SER E 92 -2.30 -26.13 -1.34
N GLY E 93 -1.41 -25.24 -1.74
CA GLY E 93 -1.46 -24.68 -3.07
C GLY E 93 -1.01 -25.63 -4.15
N THR E 94 0.26 -26.01 -4.12
CA THR E 94 0.85 -26.88 -5.13
C THR E 94 1.21 -28.22 -4.48
N ILE E 95 0.80 -29.31 -5.12
CA ILE E 95 1.02 -30.65 -4.59
C ILE E 95 1.71 -31.51 -5.62
N TYR E 96 2.79 -32.17 -5.22
CA TYR E 96 3.47 -33.18 -6.02
C TYR E 96 3.53 -34.46 -5.22
N TYR E 97 3.54 -35.59 -5.93
CA TYR E 97 3.61 -36.90 -5.30
C TYR E 97 4.89 -37.61 -5.76
N ALA E 98 5.03 -38.86 -5.34
CA ALA E 98 6.18 -39.68 -5.70
C ALA E 98 5.95 -40.34 -7.05
N ASP E 99 6.91 -40.17 -7.96
CA ASP E 99 6.80 -40.78 -9.28
C ASP E 99 6.82 -42.30 -9.21
N THR E 100 7.30 -42.87 -8.11
CA THR E 100 7.39 -44.33 -8.01
C THR E 100 6.14 -44.95 -7.41
N VAL E 101 5.29 -44.18 -6.73
CA VAL E 101 4.10 -44.73 -6.11
C VAL E 101 2.88 -43.88 -6.45
N LYS E 102 3.00 -43.06 -7.49
CA LYS E 102 1.95 -42.12 -7.84
C LYS E 102 0.64 -42.84 -8.14
N GLY E 103 -0.35 -42.67 -7.27
CA GLY E 103 -1.65 -43.24 -7.53
C GLY E 103 -2.28 -43.94 -6.34
N ARG E 104 -1.45 -44.51 -5.47
CA ARG E 104 -1.95 -45.34 -4.37
C ARG E 104 -1.59 -44.84 -2.99
N PHE E 105 -0.78 -43.77 -2.89
CA PHE E 105 -0.45 -43.16 -1.62
C PHE E 105 -1.00 -41.74 -1.60
N THR E 106 -1.81 -41.43 -0.60
CA THR E 106 -2.47 -40.13 -0.52
C THR E 106 -1.94 -39.33 0.66
N ILE E 107 -2.03 -38.01 0.54
CA ILE E 107 -1.54 -37.08 1.57
C ILE E 107 -2.65 -36.09 1.89
N SER E 108 -2.61 -35.55 3.11
CA SER E 108 -3.66 -34.66 3.57
C SER E 108 -3.24 -33.99 4.86
N ARG E 109 -3.66 -32.73 5.02
CA ARG E 109 -3.36 -31.92 6.19
C ARG E 109 -4.62 -31.22 6.67
N ASP E 110 -4.65 -30.89 7.96
CA ASP E 110 -5.78 -30.16 8.56
C ASP E 110 -5.20 -29.18 9.58
N ASP E 111 -5.01 -27.92 9.14
CA ASP E 111 -4.41 -26.92 10.02
C ASP E 111 -5.19 -26.69 11.30
N PRO E 112 -6.51 -26.47 11.30
CA PRO E 112 -7.21 -26.33 12.59
C PRO E 112 -7.11 -27.58 13.45
N LYS E 113 -7.14 -28.77 12.84
CA LYS E 113 -6.96 -30.00 13.60
C LYS E 113 -5.51 -30.23 14.00
N ASN E 114 -4.56 -29.66 13.24
CA ASN E 114 -3.13 -29.77 13.53
C ASN E 114 -2.68 -31.24 13.55
N THR E 115 -2.84 -31.88 12.40
CA THR E 115 -2.48 -33.28 12.23
C THR E 115 -1.83 -33.48 10.88
N LEU E 116 -1.64 -34.75 10.51
CA LEU E 116 -1.04 -35.11 9.23
C LEU E 116 -1.34 -36.57 8.92
N PHE E 117 -1.91 -36.81 7.74
CA PHE E 117 -2.29 -38.14 7.31
C PHE E 117 -1.61 -38.48 5.99
N LEU E 118 -1.12 -39.72 5.89
CA LEU E 118 -0.51 -40.23 4.67
C LEU E 118 -1.19 -41.55 4.34
N GLN E 119 -2.23 -41.50 3.51
CA GLN E 119 -3.04 -42.67 3.19
C GLN E 119 -2.30 -43.50 2.14
N MET E 120 -1.64 -44.55 2.59
CA MET E 120 -0.94 -45.48 1.70
C MET E 120 -1.83 -46.69 1.42
N THR E 121 -1.81 -47.14 0.17
CA THR E 121 -2.65 -48.25 -0.25
C THR E 121 -1.92 -49.09 -1.29
N SER E 122 -2.33 -50.35 -1.41
CA SER E 122 -1.78 -51.28 -2.41
C SER E 122 -0.27 -51.43 -2.23
N LEU E 123 0.10 -51.95 -1.07
CA LEU E 123 1.50 -52.06 -0.67
C LEU E 123 2.31 -52.94 -1.61
N ARG E 124 3.27 -52.35 -2.31
CA ARG E 124 4.25 -53.10 -3.07
C ARG E 124 5.41 -53.51 -2.15
N SER E 125 6.23 -54.44 -2.64
CA SER E 125 7.34 -54.95 -1.84
C SER E 125 8.38 -53.87 -1.54
N GLU E 126 8.40 -52.78 -2.30
CA GLU E 126 9.35 -51.70 -2.07
C GLU E 126 8.86 -50.79 -0.93
N ASP E 127 8.72 -51.39 0.24
CA ASP E 127 8.25 -50.68 1.42
C ASP E 127 8.66 -51.40 2.70
N MET E 130 12.71 -46.99 7.18
CA MET E 130 11.58 -46.41 7.90
C MET E 130 11.08 -45.15 7.20
N TYR E 131 10.02 -44.58 7.74
CA TYR E 131 9.46 -43.33 7.25
C TYR E 131 9.45 -42.31 8.37
N TYR E 132 9.58 -41.04 8.00
CA TYR E 132 9.64 -39.98 9.00
C TYR E 132 8.94 -38.74 8.45
N CYS E 133 8.48 -37.90 9.38
CA CYS E 133 7.85 -36.63 9.05
C CYS E 133 8.83 -35.48 9.25
N VAL E 134 8.73 -34.47 8.39
CA VAL E 134 9.66 -33.36 8.41
C VAL E 134 8.92 -32.10 7.98
N ARG E 135 9.38 -30.96 8.51
CA ARG E 135 8.79 -29.65 8.23
C ARG E 135 9.83 -28.74 7.60
N SER E 136 9.36 -27.85 6.73
CA SER E 136 10.27 -26.94 6.02
C SER E 136 9.53 -25.63 5.77
N ILE E 137 9.71 -24.67 6.69
CA ILE E 137 9.17 -23.33 6.51
C ILE E 137 10.05 -22.61 5.49
N TYR E 138 9.52 -22.38 4.30
CA TYR E 138 10.33 -22.02 3.14
C TYR E 138 10.08 -20.58 2.71
N TYR E 139 11.15 -19.81 2.64
CA TYR E 139 11.16 -18.44 2.11
C TYR E 139 12.63 -18.08 1.90
N TYR E 140 12.90 -16.81 1.60
CA TYR E 140 14.29 -16.41 1.38
C TYR E 140 15.09 -16.49 2.67
N GLY E 141 16.30 -17.02 2.57
CA GLY E 141 17.16 -17.16 3.73
C GLY E 141 16.66 -18.12 4.76
N SER E 142 15.63 -18.91 4.44
CA SER E 142 15.09 -19.86 5.39
C SER E 142 15.96 -21.10 5.47
N SER E 143 15.60 -21.99 6.39
CA SER E 143 16.29 -23.25 6.62
C SER E 143 15.26 -24.36 6.50
N PRO E 144 14.89 -24.76 5.29
CA PRO E 144 13.97 -25.87 5.13
C PRO E 144 14.62 -27.18 5.53
N PHE E 145 13.77 -28.15 5.88
CA PHE E 145 14.18 -29.46 6.38
C PHE E 145 14.90 -29.37 7.72
N ASP E 146 14.85 -28.20 8.37
CA ASP E 146 15.68 -27.97 9.55
C ASP E 146 15.30 -28.86 10.72
N PHE E 147 14.10 -29.41 10.74
CA PHE E 147 13.66 -30.23 11.86
C PHE E 147 12.95 -31.47 11.36
N TRP E 148 13.57 -32.63 11.60
CA TRP E 148 13.01 -33.94 11.29
C TRP E 148 12.29 -34.48 12.52
N GLY E 149 11.90 -35.75 12.48
CA GLY E 149 11.26 -36.38 13.61
C GLY E 149 11.81 -37.77 13.89
N GLN E 150 10.94 -38.76 14.00
CA GLN E 150 11.38 -40.15 14.12
C GLN E 150 11.12 -40.91 12.82
N THR E 152 9.94 -44.68 12.58
CA THR E 152 8.61 -45.15 12.19
C THR E 152 8.68 -45.92 10.88
N THR E 153 8.66 -47.25 10.97
CA THR E 153 8.78 -48.11 9.81
C THR E 153 7.48 -48.85 9.55
N LEU E 154 7.09 -48.89 8.27
CA LEU E 154 5.99 -49.72 7.81
C LEU E 154 6.59 -50.82 6.94
N THR E 155 6.64 -52.04 7.48
CA THR E 155 7.27 -53.17 6.80
C THR E 155 6.21 -53.88 5.96
N VAL E 156 6.43 -53.93 4.65
CA VAL E 156 5.52 -54.65 3.77
C VAL E 156 5.54 -56.13 4.12
N ALA E 174 15.73 -40.91 -15.56
CA ALA E 174 15.36 -39.71 -16.31
C ALA E 174 15.34 -38.49 -15.40
N ASP E 175 16.13 -38.53 -14.33
CA ASP E 175 16.16 -37.45 -13.36
C ASP E 175 17.57 -37.36 -12.77
N ILE E 176 17.70 -36.65 -11.66
CA ILE E 176 19.00 -36.44 -11.02
C ILE E 176 19.28 -37.65 -10.12
N VAL E 177 20.57 -37.92 -9.87
CA VAL E 177 20.98 -38.96 -8.95
C VAL E 177 22.07 -38.39 -8.04
N MET E 178 22.04 -38.80 -6.77
CA MET E 178 22.95 -38.32 -5.74
C MET E 178 23.68 -39.52 -5.14
N THR E 179 24.82 -39.87 -5.72
CA THR E 179 25.61 -41.01 -5.27
C THR E 179 26.83 -40.50 -4.51
N GLN E 180 26.96 -40.95 -3.27
CA GLN E 180 28.11 -40.56 -2.44
C GLN E 180 29.42 -41.02 -3.06
N THR E 182 31.27 -43.55 -2.48
CA THR E 182 32.05 -43.94 -1.30
C THR E 182 31.16 -44.65 -0.28
N SER E 183 31.69 -45.68 0.35
CA SER E 183 30.93 -46.48 1.31
C SER E 183 31.18 -46.04 2.75
N SER E 184 32.44 -46.04 3.19
CA SER E 184 32.77 -45.69 4.56
C SER E 184 34.24 -45.33 4.64
N VAL E 185 34.66 -44.88 5.83
CA VAL E 185 36.05 -44.52 6.10
C VAL E 185 36.25 -44.46 7.60
N PRO E 186 37.38 -44.94 8.11
CA PRO E 186 37.65 -44.86 9.55
C PRO E 186 38.38 -43.57 9.93
N VAL E 187 38.22 -43.20 11.20
CA VAL E 187 38.79 -41.97 11.74
C VAL E 187 39.09 -42.19 13.22
N THR E 188 39.81 -41.24 13.81
CA THR E 188 40.13 -41.22 15.22
C THR E 188 39.76 -39.87 15.81
N PRO E 189 39.37 -39.79 17.13
CA PRO E 189 38.94 -38.45 17.57
C PRO E 189 40.00 -37.36 17.49
N GLY E 190 39.61 -36.18 17.03
CA GLY E 190 40.56 -35.09 16.88
C GLY E 190 41.07 -35.04 15.46
N GLU E 191 41.40 -36.20 14.90
CA GLU E 191 41.87 -36.25 13.51
C GLU E 191 40.80 -35.72 12.60
N SER E 192 41.18 -34.82 11.70
CA SER E 192 40.22 -34.21 10.79
C SER E 192 39.63 -35.26 9.85
N VAL E 193 38.33 -35.14 9.58
CA VAL E 193 37.64 -36.04 8.68
C VAL E 193 36.92 -35.20 7.62
N SER E 194 36.92 -35.70 6.39
CA SER E 194 36.29 -35.02 5.28
C SER E 194 35.48 -36.01 4.47
N ILE E 195 34.42 -35.52 3.84
CA ILE E 195 33.51 -36.34 3.05
C ILE E 195 33.30 -35.65 1.71
N SER E 196 33.02 -36.44 0.68
CA SER E 196 32.72 -35.93 -0.65
C SER E 196 31.46 -36.61 -1.18
N CYS E 197 30.97 -36.09 -2.30
CA CYS E 197 29.75 -36.64 -2.90
C CYS E 197 29.78 -36.38 -4.40
N ARG E 198 28.96 -37.14 -5.12
CA ARG E 198 28.89 -37.06 -6.57
C ARG E 198 27.44 -36.86 -7.00
N SER E 199 27.22 -35.89 -7.89
CA SER E 199 25.91 -35.58 -8.43
C SER E 199 25.85 -35.96 -9.90
N SER E 200 24.66 -35.84 -10.49
CA SER E 200 24.47 -36.18 -11.89
C SER E 200 24.61 -34.95 -12.78
N LYS E 201 23.75 -33.96 -12.59
CA LYS E 201 23.84 -32.69 -13.30
C LYS E 201 24.38 -31.62 -12.36
N SER E 202 24.40 -30.38 -12.84
CA SER E 202 24.82 -29.27 -11.99
C SER E 202 23.70 -28.90 -11.02
N LEU E 203 24.05 -28.10 -10.01
CA LEU E 203 23.09 -27.64 -9.04
C LEU E 203 23.09 -26.13 -8.84
N LEU E 204 23.97 -25.42 -9.53
CA LEU E 204 24.05 -23.95 -9.42
C LEU E 204 22.95 -23.35 -10.28
N HIS E 205 21.79 -23.14 -9.68
CA HIS E 205 20.68 -22.53 -10.38
C HIS E 205 21.00 -21.07 -10.71
N SER E 206 20.30 -20.54 -11.71
CA SER E 206 20.58 -19.18 -12.17
C SER E 206 20.33 -18.14 -11.10
N ASN E 207 19.49 -18.44 -10.10
CA ASN E 207 19.15 -17.44 -9.11
C ASN E 207 20.38 -16.99 -8.31
N GLY E 208 21.30 -17.90 -8.04
CA GLY E 208 22.54 -17.51 -7.40
C GLY E 208 23.07 -18.49 -6.37
N ASN E 209 22.24 -19.39 -5.87
CA ASN E 209 22.64 -20.32 -4.82
C ASN E 209 22.53 -21.76 -5.29
N THR E 210 23.17 -22.65 -4.53
CA THR E 210 23.25 -24.07 -4.84
C THR E 210 22.58 -24.86 -3.73
N TYR E 211 21.75 -25.84 -4.11
CA TYR E 211 20.88 -26.54 -3.18
C TYR E 211 21.46 -27.91 -2.85
N LEU E 212 21.83 -28.12 -1.58
CA LEU E 212 22.16 -29.44 -1.07
C LEU E 212 22.27 -29.38 0.45
N TYR E 213 21.72 -30.39 1.12
CA TYR E 213 21.61 -30.43 2.56
C TYR E 213 22.35 -31.64 3.08
N TRP E 214 23.11 -31.47 4.16
CA TRP E 214 23.79 -32.59 4.81
C TRP E 214 23.01 -33.03 6.04
N PHE E 215 23.20 -34.29 6.41
CA PHE E 215 22.48 -34.84 7.57
C PHE E 215 23.35 -35.87 8.27
N LEU E 216 23.89 -35.50 9.42
CA LEU E 216 24.41 -36.51 10.35
C LEU E 216 23.26 -37.31 10.95
N GLN E 217 23.52 -38.58 11.20
CA GLN E 217 22.53 -39.44 11.85
C GLN E 217 23.26 -40.44 12.73
N ARG E 218 23.19 -40.23 14.04
CA ARG E 218 23.75 -41.18 14.98
C ARG E 218 22.90 -42.45 15.00
N PRO E 219 23.51 -43.60 15.32
CA PRO E 219 22.72 -44.82 15.47
C PRO E 219 21.67 -44.67 16.55
N GLY E 220 20.49 -45.23 16.30
CA GLY E 220 19.38 -45.09 17.22
C GLY E 220 18.96 -43.65 17.45
N GLN E 221 18.95 -42.84 16.41
CA GLN E 221 18.65 -41.42 16.53
C GLN E 221 17.97 -40.97 15.24
N SER E 222 17.92 -39.65 15.04
CA SER E 222 17.23 -39.04 13.92
C SER E 222 18.17 -38.16 13.11
N PRO E 223 18.01 -38.09 11.79
CA PRO E 223 18.86 -37.20 10.99
C PRO E 223 18.60 -35.74 11.33
N GLN E 224 19.66 -34.94 11.22
CA GLN E 224 19.61 -33.53 11.60
C GLN E 224 20.12 -32.68 10.46
N LEU E 225 19.56 -31.47 10.35
CA LEU E 225 19.96 -30.52 9.30
C LEU E 225 21.20 -29.77 9.76
N LEU E 226 22.33 -30.49 9.75
CA LEU E 226 23.59 -29.90 10.18
C LEU E 226 23.98 -28.72 9.30
N ILE E 227 23.90 -28.89 7.99
CA ILE E 227 24.22 -27.82 7.04
C ILE E 227 23.18 -27.83 5.93
N TYR E 228 22.71 -26.63 5.57
CA TYR E 228 21.84 -26.45 4.42
C TYR E 228 22.46 -25.44 3.48
N ARG E 229 22.33 -25.71 2.17
CA ARG E 229 22.96 -24.91 1.12
C ARG E 229 24.48 -24.91 1.23
N MET E 230 25.03 -26.00 1.79
CA MET E 230 26.46 -26.33 1.85
C MET E 230 27.33 -25.18 2.33
N SER E 231 26.74 -24.16 2.94
CA SER E 231 27.52 -23.11 3.57
C SER E 231 26.99 -22.67 4.92
N ASN E 232 25.72 -22.88 5.22
CA ASN E 232 25.07 -22.27 6.38
C ASN E 232 24.87 -23.32 7.46
N LEU E 233 25.34 -23.02 8.67
CA LEU E 233 25.05 -23.89 9.81
C LEU E 233 23.60 -23.71 10.23
N ALA E 234 23.21 -24.41 11.29
CA ALA E 234 21.85 -24.35 11.80
C ALA E 234 21.90 -24.25 13.32
N SER E 235 20.74 -24.12 13.93
CA SER E 235 20.66 -24.01 15.38
C SER E 235 21.20 -25.28 16.05
N GLY E 236 21.99 -25.10 17.10
CA GLY E 236 22.57 -26.20 17.83
C GLY E 236 23.83 -26.78 17.23
N VAL E 237 24.26 -26.28 16.07
CA VAL E 237 25.40 -26.84 15.36
C VAL E 237 26.67 -26.23 15.93
N PRO E 238 27.59 -27.02 16.48
CA PRO E 238 28.93 -26.50 16.81
C PRO E 238 29.67 -26.15 15.53
N ASP E 239 30.31 -24.98 15.53
CA ASP E 239 30.89 -24.47 14.29
C ASP E 239 32.27 -25.05 14.03
N ARG E 240 32.39 -26.37 14.09
CA ARG E 240 33.57 -27.06 13.58
C ARG E 240 33.30 -27.74 12.25
N PHE E 241 32.06 -27.71 11.77
CA PHE E 241 31.74 -28.23 10.45
C PHE E 241 32.03 -27.16 9.40
N SER E 242 31.80 -27.50 8.15
CA SER E 242 31.99 -26.59 7.03
C SER E 242 31.29 -27.20 5.82
N GLY E 243 31.49 -26.60 4.65
CA GLY E 243 30.96 -27.16 3.43
C GLY E 243 31.49 -26.40 2.24
N SER E 244 31.35 -27.01 1.07
CA SER E 244 31.81 -26.40 -0.17
C SER E 244 31.31 -27.23 -1.33
N GLY E 245 31.37 -26.66 -2.52
CA GLY E 245 30.97 -27.35 -3.73
C GLY E 245 31.49 -26.65 -4.97
N SER E 246 31.58 -27.38 -6.07
CA SER E 246 32.06 -26.82 -7.33
C SER E 246 31.45 -27.65 -8.46
N GLY E 247 30.43 -27.12 -9.11
CA GLY E 247 29.79 -27.88 -10.17
C GLY E 247 29.14 -29.12 -9.59
N THR E 248 29.77 -30.27 -9.87
CA THR E 248 29.27 -31.53 -9.34
C THR E 248 30.01 -31.96 -8.07
N ALA E 249 31.28 -31.59 -7.95
CA ALA E 249 32.10 -32.03 -6.82
C ALA E 249 31.71 -31.25 -5.56
N PHE E 250 31.24 -31.97 -4.55
CA PHE E 250 30.83 -31.42 -3.27
C PHE E 250 31.64 -32.04 -2.15
N THR E 251 31.78 -31.32 -1.04
CA THR E 251 32.60 -31.78 0.08
C THR E 251 31.87 -31.50 1.39
N LEU E 252 32.51 -31.87 2.49
CA LEU E 252 32.06 -31.62 3.85
C LEU E 252 33.21 -31.97 4.79
N THR E 253 33.46 -31.10 5.78
CA THR E 253 34.60 -31.29 6.66
C THR E 253 34.20 -31.09 8.12
N ILE E 254 34.79 -31.90 9.00
CA ILE E 254 34.69 -31.73 10.44
C ILE E 254 36.10 -31.64 11.00
N SER E 255 36.36 -30.61 11.81
CA SER E 255 37.72 -30.38 12.28
C SER E 255 38.09 -31.36 13.38
N ARG E 256 37.37 -31.32 14.50
CA ARG E 256 37.69 -32.11 15.69
C ARG E 256 36.52 -33.07 15.96
N LEU E 257 36.62 -34.29 15.44
CA LEU E 257 35.58 -35.28 15.67
C LEU E 257 35.45 -35.57 17.17
N GLU E 258 34.22 -35.55 17.66
CA GLU E 258 33.93 -35.75 19.07
C GLU E 258 33.24 -37.10 19.28
N ALA E 259 32.84 -37.35 20.53
CA ALA E 259 32.19 -38.61 20.87
C ALA E 259 30.80 -38.73 20.27
N GLU E 260 30.24 -37.65 19.74
CA GLU E 260 28.90 -37.64 19.19
C GLU E 260 28.91 -37.28 17.70
N ASP E 261 29.85 -37.85 16.95
CA ASP E 261 30.00 -37.59 15.52
C ASP E 261 30.17 -38.89 14.74
N VAL E 262 29.33 -39.88 15.02
CA VAL E 262 29.38 -41.16 14.33
C VAL E 262 28.00 -41.50 13.79
N GLY E 263 27.98 -41.94 12.54
CA GLY E 263 26.76 -42.38 11.88
C GLY E 263 26.80 -42.12 10.39
N VAL E 264 25.83 -42.72 9.70
CA VAL E 264 25.72 -42.61 8.26
C VAL E 264 25.31 -41.19 7.89
N TYR E 265 25.71 -40.75 6.70
CA TYR E 265 25.32 -39.46 6.17
C TYR E 265 24.22 -39.62 5.13
N TYR E 266 23.87 -38.50 4.49
CA TYR E 266 22.90 -38.50 3.41
C TYR E 266 23.09 -37.21 2.62
N CYS E 267 22.19 -36.96 1.69
CA CYS E 267 22.22 -35.74 0.89
C CYS E 267 20.86 -35.58 0.23
N MET E 268 20.66 -34.43 -0.42
CA MET E 268 19.44 -34.18 -1.17
C MET E 268 19.61 -32.99 -2.11
N GLN E 269 19.34 -33.19 -3.39
CA GLN E 269 19.31 -32.10 -4.37
C GLN E 269 17.89 -31.57 -4.45
N HIS E 270 17.78 -30.25 -4.57
CA HIS E 270 16.46 -29.60 -4.49
C HIS E 270 16.20 -28.70 -5.69
N LEU E 271 16.89 -28.91 -6.80
CA LEU E 271 16.69 -28.11 -8.00
C LEU E 271 15.53 -28.65 -8.85
N GLU E 272 15.64 -29.90 -9.28
CA GLU E 272 14.52 -30.60 -9.88
C GLU E 272 13.79 -31.34 -8.76
N TYR E 273 12.50 -31.07 -8.62
CA TYR E 273 11.78 -31.38 -7.38
C TYR E 273 11.89 -32.83 -6.93
N PRO E 274 11.85 -33.84 -7.82
CA PRO E 274 12.20 -35.20 -7.38
C PRO E 274 13.55 -35.20 -6.67
N LEU E 275 13.53 -35.47 -5.37
CA LEU E 275 14.69 -35.26 -4.51
C LEU E 275 15.47 -36.56 -4.34
N THR E 276 16.41 -36.77 -5.25
CA THR E 276 17.31 -37.92 -5.15
C THR E 276 18.25 -37.74 -3.96
N PHE E 277 18.18 -38.64 -2.99
CA PHE E 277 19.04 -38.58 -1.82
C PHE E 277 20.31 -39.39 -2.08
N GLY E 278 21.11 -39.59 -1.05
CA GLY E 278 22.34 -40.35 -1.14
C GLY E 278 22.19 -41.77 -0.61
N ALA E 279 23.33 -42.43 -0.49
CA ALA E 279 23.37 -43.80 0.00
C ALA E 279 23.02 -43.86 1.48
N THR E 281 27.24 -42.81 4.22
CA THR E 281 28.60 -43.15 4.64
C THR E 281 28.64 -43.51 6.12
N LYS E 282 28.66 -44.81 6.41
CA LYS E 282 28.67 -45.32 7.78
C LYS E 282 30.07 -45.11 8.36
N LEU E 283 30.31 -43.89 8.84
CA LEU E 283 31.62 -43.53 9.36
C LEU E 283 31.87 -44.18 10.71
N GLU E 284 32.50 -45.35 10.72
CA GLU E 284 32.86 -46.01 11.97
C GLU E 284 34.13 -45.39 12.53
N LEU E 285 34.26 -45.46 13.85
CA LEU E 285 35.42 -44.92 14.53
C LEU E 285 36.68 -45.73 14.20
#